data_7Y1L
#
_entry.id   7Y1L
#
_cell.length_a   1.00
_cell.length_b   1.00
_cell.length_c   1.00
_cell.angle_alpha   90.00
_cell.angle_beta   90.00
_cell.angle_gamma   90.00
#
_symmetry.space_group_name_H-M   'P 1'
#
loop_
_entity.id
_entity.type
_entity.pdbx_description
1 polymer 'Isoform SUR2B of ATP-binding cassette sub-family C member 9'
2 non-polymer 'MAGNESIUM ION'
3 non-polymer "ADENOSINE-5'-TRIPHOSPHATE"
4 non-polymer Repaglinide
#
_entity_poly.entity_id   1
_entity_poly.type   'polypeptide(L)'
_entity_poly.pdbx_seq_one_letter_code
;MSLSFCGNNISSYNIYHGVLQNPCFVDALNLVPHVFLLFITFPILFIGWGSQSSKVQIHHNTWLHFPGHNLRWILTFALL
FVHVCEIAEGIVSDSQRASRHLHLFMPAVMGFVATTTSIVYYHNIETSNFPKLLLALFLYWVMAFITKTIKLVKYWQLGW
GMSDLRFCITGVMVILNGLLMAVEINVIRVRRYVFFMNPQKVKPPEDLQDLGVRFLQPFVNLLSKATYWWMNTLIISAHR
KPIDLKAIGKLPIAMRAVTNYVCLKEAYEEQKKKAADHPNRTPSIWLAMYRAFGRPILLSSTFRYLADLLGFAGPLCISG
IVQRVNEPKNNTTRFSETLSSKEFLENAHVLAVLLFLALILQRTFLQASYYVTIETGINLRGALLAMIYNKILRLSTSNL
SMGEMTLGQINNLVAIETNQLMWFLFLCPNLWAMPVQIIMGVILLYNLLGSSALVGAAVIVLLAPIQYFIATKLAEAQKS
TLDYSTERLKKTNEILKGIKLLKLYAWEHIFCKSVEETRMKELSSLKTFALYTSLSIFMNAAIPIAAVLATFVTHAYASG
NNLKPAEAFASLSLFHILVTPLFLLSTVVRFAVKAIISVQKLNEFLLSDEIGEDSWRTGEGTLPFESCKKHTGVQSKPIN
RKQPGRYHLDNYEQARRLRPAETEDVAIKVTNGYFSWGSGLATLSNIDIRIPTGQLTMIVGQVGCGKSSLLLAILGEMQT
LEGKVYWNNVNESEPSFEATRSRSRYSVAYAAQKPWLLNATVEENITFGSSFNRQRYKAVTDACSLQPDIDLLPFGDQTE
IGERGINLSGGQRQRICVARALYQNTNIVFLDDPFSALDIHLSDHLMQEGILKFLQDDKRTVVLVTHKLQYLTHADWIIA
MKDGSVLREGTLKDIQTKDVELYEHWKTLMNRQDQELEKDMEADQTTLERKTLRRAMYSREAKAQMEDEDEEEEEEEDED
DNMSTVMRLRTKMPWKTCWWYLTSGGFFLLFLMIFSKLLKHSVIVAIDYWLATWTSEYSINDPGKADQTFYVAGFSILCG
AGIFLCLVTSLTVEWMGLTAAKNLHHNLLNKIILGPIRFFDTTPLGLILNRFSADTNIIDQHIPPTLESLTRSTLLCLSA
IGMISYATPVFLIALAPLGVAFYFIQKYFRVASKDLQELDDSTQLPLLCHFSETAEGLTTIRAFRHETRFKQRMLELTDT
NNIAYLFLSAANRWLEVRTDYLGACIVLTASIASISGSSNSGLVGLGLLYALTITNYLNWVVRNLADLEVQMGAVKKVNS
FLTMESENYEGTMDPSQVPEHWPQEGEIKIHDLCVRYENNLKPVLKHVKAYIKPGQKVGICGRTGSGKSSLSLAFFRMVD
IFDGKIVIDGIDISKLPLHTLRSRLSIILQDPILFSGSIRFNLDPECKCTDDRLWEALEIAQLKNMVKSLPGGLDATVTE
GGENFSVGQRQLFCLARAFVRKSSILIMDEATASIDMATENILQKVVMTAFADRTVVTIAHRVHTILTADLVIVMKRGNI
LEYDTPESLLAQEDGVFASFVRADM
;
_entity_poly.pdbx_strand_id   A
#
loop_
_chem_comp.id
_chem_comp.type
_chem_comp.name
_chem_comp.formula
ATP non-polymer ADENOSINE-5'-TRIPHOSPHATE 'C10 H16 N5 O13 P3'
BJX non-polymer Repaglinide 'C27 H36 N2 O4'
MG non-polymer 'MAGNESIUM ION' 'Mg 2'
#
# COMPACT_ATOMS: atom_id res chain seq x y z
N LEU A 216 21.96 -16.79 43.59
CA LEU A 216 21.28 -17.71 42.69
C LEU A 216 20.40 -16.96 41.70
N GLN A 217 20.01 -15.75 42.06
CA GLN A 217 19.16 -14.96 41.19
C GLN A 217 19.71 -14.83 39.77
N PRO A 218 21.01 -14.62 39.56
CA PRO A 218 21.51 -14.55 38.17
C PRO A 218 21.19 -15.80 37.37
N PHE A 219 21.23 -16.97 38.00
CA PHE A 219 20.95 -18.21 37.27
C PHE A 219 19.53 -18.19 36.71
N VAL A 220 18.55 -17.87 37.55
CA VAL A 220 17.17 -17.82 37.08
C VAL A 220 16.98 -16.70 36.08
N ASN A 221 17.66 -15.57 36.27
CA ASN A 221 17.53 -14.47 35.33
C ASN A 221 18.01 -14.87 33.95
N LEU A 222 19.17 -15.54 33.87
CA LEU A 222 19.65 -16.03 32.58
C LEU A 222 18.71 -17.08 32.01
N LEU A 223 18.20 -17.97 32.86
CA LEU A 223 17.25 -18.96 32.38
C LEU A 223 16.06 -18.29 31.72
N SER A 224 15.49 -17.28 32.38
CA SER A 224 14.36 -16.56 31.81
C SER A 224 14.76 -15.90 30.50
N LYS A 225 15.92 -15.24 30.47
CA LYS A 225 16.37 -14.61 29.24
C LYS A 225 16.58 -15.62 28.13
N ALA A 226 16.72 -16.91 28.47
CA ALA A 226 16.86 -17.95 27.46
C ALA A 226 15.51 -18.57 27.09
N THR A 227 14.67 -18.84 28.08
CA THR A 227 13.36 -19.42 27.85
C THR A 227 12.28 -18.37 27.64
N TYR A 228 12.73 -17.14 27.50
CA TYR A 228 11.83 -16.05 27.26
C TYR A 228 10.75 -16.01 28.29
N TRP A 229 11.04 -16.19 29.59
CA TRP A 229 9.95 -16.16 30.60
C TRP A 229 9.24 -14.76 30.58
N TRP A 230 9.95 -13.65 30.36
CA TRP A 230 9.25 -12.32 30.29
C TRP A 230 8.10 -12.35 29.21
N MET A 231 8.28 -12.99 28.05
CA MET A 231 7.18 -13.04 27.02
C MET A 231 5.85 -13.72 27.57
N ASN A 232 5.90 -14.72 28.47
CA ASN A 232 4.65 -15.45 28.87
C ASN A 232 3.55 -14.47 29.42
N THR A 233 3.89 -13.48 30.25
CA THR A 233 2.80 -12.59 30.77
C THR A 233 2.09 -11.87 29.57
N LEU A 234 2.83 -11.31 28.60
CA LEU A 234 2.13 -10.63 27.46
C LEU A 234 1.36 -11.72 26.68
N ILE A 235 2.00 -12.84 26.39
CA ILE A 235 1.33 -13.82 25.54
C ILE A 235 0.07 -14.33 26.22
N ILE A 236 0.15 -14.63 27.52
CA ILE A 236 -1.02 -15.13 28.23
C ILE A 236 -2.11 -14.07 28.26
N SER A 237 -1.75 -12.83 28.57
CA SER A 237 -2.74 -11.76 28.61
C SER A 237 -3.29 -11.43 27.23
N ALA A 238 -2.68 -11.94 26.16
CA ALA A 238 -3.16 -11.64 24.82
C ALA A 238 -4.63 -11.99 24.65
N HIS A 239 -5.12 -13.00 25.38
CA HIS A 239 -6.53 -13.36 25.30
C HIS A 239 -7.41 -12.24 25.85
N ARG A 240 -7.11 -11.77 27.06
CA ARG A 240 -7.99 -10.82 27.72
C ARG A 240 -8.05 -9.50 26.96
N LYS A 241 -6.89 -8.91 26.68
CA LYS A 241 -6.83 -7.62 26.03
C LYS A 241 -5.99 -7.70 24.76
N PRO A 242 -6.40 -7.03 23.69
CA PRO A 242 -5.52 -6.91 22.53
C PRO A 242 -4.23 -6.22 22.93
N ILE A 243 -3.13 -6.62 22.28
CA ILE A 243 -1.80 -6.14 22.64
C ILE A 243 -1.71 -4.68 22.19
N ASP A 244 -1.90 -3.76 23.11
CA ASP A 244 -1.80 -2.34 22.81
C ASP A 244 -0.34 -1.89 22.92
N LEU A 245 -0.06 -0.75 22.30
CA LEU A 245 1.30 -0.19 22.39
C LEU A 245 1.66 0.08 23.84
N LYS A 246 0.73 0.63 24.62
CA LYS A 246 1.01 0.86 26.03
C LYS A 246 1.28 -0.44 26.76
N ALA A 247 0.50 -1.49 26.46
CA ALA A 247 0.74 -2.78 27.09
C ALA A 247 2.15 -3.27 26.83
N ILE A 248 2.69 -2.98 25.65
CA ILE A 248 4.07 -3.32 25.34
C ILE A 248 4.99 -2.30 26.01
N GLY A 249 5.91 -2.79 26.83
CA GLY A 249 6.83 -1.89 27.51
C GLY A 249 7.73 -1.18 26.51
N LYS A 250 8.06 0.08 26.81
CA LYS A 250 8.91 0.86 25.93
C LYS A 250 10.26 0.18 25.75
N LEU A 251 10.97 0.60 24.72
CA LEU A 251 12.27 0.02 24.44
C LEU A 251 13.26 0.36 25.56
N PRO A 252 14.11 -0.59 25.96
CA PRO A 252 15.19 -0.24 26.88
C PRO A 252 16.11 0.81 26.26
N ILE A 253 16.65 1.69 27.11
CA ILE A 253 17.52 2.75 26.61
C ILE A 253 18.69 2.15 25.85
N ALA A 254 19.08 0.92 26.17
CA ALA A 254 20.17 0.27 25.46
C ALA A 254 19.80 -0.05 24.02
N MET A 255 18.52 0.00 23.66
CA MET A 255 18.08 -0.37 22.32
C MET A 255 17.24 0.73 21.66
N ARG A 256 17.15 1.91 22.26
CA ARG A 256 16.44 3.01 21.63
C ARG A 256 17.12 3.39 20.32
N ALA A 257 16.33 3.78 19.33
CA ALA A 257 16.89 4.10 18.02
C ALA A 257 17.87 5.25 18.11
N VAL A 258 17.69 6.16 19.05
CA VAL A 258 18.57 7.33 19.14
C VAL A 258 20.00 6.89 19.45
N THR A 259 20.16 5.98 20.41
CA THR A 259 21.51 5.55 20.78
C THR A 259 22.18 4.82 19.63
N ASN A 260 21.44 3.93 18.96
CA ASN A 260 22.01 3.22 17.82
C ASN A 260 22.41 4.19 16.73
N TYR A 261 21.58 5.21 16.47
CA TYR A 261 21.94 6.23 15.50
C TYR A 261 23.21 6.95 15.91
N VAL A 262 23.34 7.26 17.20
CA VAL A 262 24.56 7.92 17.67
C VAL A 262 25.78 7.06 17.38
N CYS A 263 25.69 5.78 17.71
CA CYS A 263 26.83 4.89 17.48
C CYS A 263 27.16 4.78 16.00
N LEU A 264 26.12 4.65 15.16
CA LEU A 264 26.35 4.51 13.73
C LEU A 264 26.96 5.77 13.15
N LYS A 265 26.49 6.94 13.58
CA LYS A 265 27.08 8.19 13.10
C LYS A 265 28.52 8.31 13.54
N GLU A 266 28.83 7.92 14.78
CA GLU A 266 30.20 7.95 15.24
C GLU A 266 31.09 7.08 14.35
N ALA A 267 30.64 5.87 14.08
CA ALA A 267 31.43 4.99 13.22
C ALA A 267 31.57 5.56 11.82
N TYR A 268 30.49 6.12 11.28
CA TYR A 268 30.53 6.68 9.93
C TYR A 268 31.52 7.84 9.85
N GLU A 269 31.52 8.72 10.85
CA GLU A 269 32.46 9.83 10.85
C GLU A 269 33.88 9.36 11.04
N GLU A 270 34.10 8.33 11.87
CA GLU A 270 35.44 7.77 11.99
C GLU A 270 35.92 7.26 10.64
N GLN A 271 35.04 6.56 9.91
CA GLN A 271 35.39 6.12 8.57
C GLN A 271 35.74 7.31 7.68
N LYS A 272 34.89 8.34 7.70
CA LYS A 272 35.12 9.51 6.86
C LYS A 272 36.41 10.23 7.22
N LYS A 273 36.90 10.06 8.45
CA LYS A 273 38.16 10.69 8.82
C LYS A 273 39.33 10.17 8.00
N LYS A 274 39.24 8.95 7.48
CA LYS A 274 40.30 8.38 6.65
C LYS A 274 39.92 8.43 5.18
N THR A 282 33.76 8.21 -0.39
CA THR A 282 34.76 7.20 -0.06
C THR A 282 34.37 6.35 1.16
N PRO A 283 33.76 6.95 2.18
CA PRO A 283 33.39 6.16 3.36
C PRO A 283 32.45 5.02 2.98
N SER A 284 32.64 3.88 3.62
CA SER A 284 31.86 2.67 3.34
C SER A 284 30.99 2.35 4.55
N ILE A 285 29.71 2.10 4.28
CA ILE A 285 28.77 1.79 5.36
C ILE A 285 29.20 0.52 6.09
N TRP A 286 29.58 -0.52 5.33
CA TRP A 286 29.83 -1.83 5.93
C TRP A 286 30.78 -1.71 7.13
N LEU A 287 31.86 -0.95 6.97
CA LEU A 287 32.80 -0.78 8.06
C LEU A 287 32.12 -0.17 9.27
N ALA A 288 31.26 0.83 9.04
CA ALA A 288 30.57 1.48 10.17
C ALA A 288 29.63 0.50 10.86
N MET A 289 28.89 -0.29 10.09
CA MET A 289 27.97 -1.24 10.68
C MET A 289 28.73 -2.28 11.50
N TYR A 290 29.88 -2.72 11.01
CA TYR A 290 30.69 -3.63 11.82
C TYR A 290 31.14 -2.94 13.10
N ARG A 291 31.75 -1.76 12.97
CA ARG A 291 32.24 -1.05 14.15
C ARG A 291 31.14 -0.86 15.18
N ALA A 292 29.90 -0.76 14.73
CA ALA A 292 28.79 -0.55 15.66
C ALA A 292 28.33 -1.86 16.29
N PHE A 293 28.06 -2.88 15.47
CA PHE A 293 27.31 -4.05 15.91
C PHE A 293 28.08 -5.35 15.76
N GLY A 294 29.41 -5.30 15.80
CA GLY A 294 30.18 -6.52 15.68
C GLY A 294 29.96 -7.47 16.84
N ARG A 295 30.01 -6.95 18.05
CA ARG A 295 29.95 -7.83 19.22
C ARG A 295 28.68 -8.65 19.26
N PRO A 296 27.49 -8.10 19.07
CA PRO A 296 26.31 -8.95 19.01
C PRO A 296 26.40 -10.02 17.93
N ILE A 297 26.97 -9.69 16.77
CA ILE A 297 27.09 -10.68 15.71
C ILE A 297 28.05 -11.78 16.10
N LEU A 298 29.15 -11.43 16.76
CA LEU A 298 30.10 -12.46 17.21
C LEU A 298 29.47 -13.37 18.25
N LEU A 299 28.71 -12.79 19.18
CA LEU A 299 28.01 -13.61 20.16
C LEU A 299 27.02 -14.54 19.48
N SER A 300 26.29 -14.01 18.50
CA SER A 300 25.34 -14.84 17.76
C SER A 300 26.04 -15.97 17.03
N SER A 301 27.18 -15.69 16.42
CA SER A 301 27.93 -16.72 15.71
C SER A 301 28.42 -17.78 16.68
N THR A 302 28.91 -17.37 17.85
CA THR A 302 29.33 -18.35 18.85
C THR A 302 28.18 -19.27 19.21
N PHE A 303 27.02 -18.68 19.53
CA PHE A 303 25.86 -19.50 19.87
C PHE A 303 25.48 -20.43 18.73
N ARG A 304 25.50 -19.91 17.50
CA ARG A 304 25.09 -20.72 16.35
C ARG A 304 26.03 -21.89 16.14
N TYR A 305 27.34 -21.65 16.22
CA TYR A 305 28.30 -22.75 16.04
C TYR A 305 28.13 -23.80 17.12
N LEU A 306 27.98 -23.37 18.38
CA LEU A 306 27.80 -24.34 19.45
C LEU A 306 26.50 -25.12 19.26
N ALA A 307 25.43 -24.44 18.85
CA ALA A 307 24.16 -25.10 18.64
C ALA A 307 24.27 -26.15 17.56
N ASP A 308 24.89 -25.81 16.42
CA ASP A 308 25.01 -26.77 15.35
C ASP A 308 25.91 -27.94 15.75
N LEU A 309 27.00 -27.66 16.45
CA LEU A 309 27.88 -28.74 16.88
C LEU A 309 27.14 -29.71 17.79
N LEU A 310 26.37 -29.18 18.74
CA LEU A 310 25.59 -30.07 19.59
C LEU A 310 24.54 -30.81 18.77
N GLY A 311 23.86 -30.12 17.86
CA GLY A 311 22.83 -30.76 17.06
C GLY A 311 23.35 -31.88 16.20
N PHE A 312 24.65 -31.88 15.91
CA PHE A 312 25.23 -33.06 15.28
C PHE A 312 25.24 -34.26 16.20
N ALA A 313 24.95 -34.09 17.49
CA ALA A 313 24.92 -35.20 18.42
C ALA A 313 23.73 -36.13 18.19
N GLY A 314 22.68 -35.64 17.54
CA GLY A 314 21.50 -36.44 17.30
C GLY A 314 21.84 -37.76 16.62
N PRO A 315 22.34 -37.68 15.39
CA PRO A 315 22.70 -38.93 14.68
C PRO A 315 23.70 -39.79 15.44
N LEU A 316 24.67 -39.18 16.11
CA LEU A 316 25.62 -39.97 16.87
C LEU A 316 24.94 -40.72 18.00
N CYS A 317 24.04 -40.04 18.72
CA CYS A 317 23.31 -40.71 19.78
C CYS A 317 22.43 -41.82 19.24
N ILE A 318 21.80 -41.60 18.09
CA ILE A 318 21.00 -42.65 17.50
C ILE A 318 21.87 -43.86 17.17
N SER A 319 23.02 -43.51 16.61
CA SER A 319 24.02 -44.52 16.23
C SER A 319 24.24 -45.41 17.49
N GLY A 320 24.79 -44.80 18.55
CA GLY A 320 25.10 -45.58 19.73
C GLY A 320 23.86 -46.27 20.35
N ILE A 321 22.71 -45.58 20.46
CA ILE A 321 21.53 -46.27 21.07
C ILE A 321 21.15 -47.52 20.22
N VAL A 322 21.10 -47.39 18.88
CA VAL A 322 20.76 -48.60 18.07
C VAL A 322 21.84 -49.73 18.29
N GLN A 323 23.15 -49.41 18.31
CA GLN A 323 24.18 -50.49 18.47
C GLN A 323 23.96 -51.21 19.86
N ARG A 324 23.61 -50.46 20.91
CA ARG A 324 22.96 -51.15 22.06
C ARG A 324 21.84 -52.06 21.55
N LYS A 342 35.67 -47.51 32.86
CA LYS A 342 34.23 -47.70 32.78
C LYS A 342 33.61 -46.79 31.72
N GLU A 343 33.36 -47.35 30.53
CA GLU A 343 32.70 -46.61 29.46
C GLU A 343 31.22 -46.99 29.47
N PHE A 344 30.50 -46.41 30.43
CA PHE A 344 29.06 -46.64 30.54
C PHE A 344 28.28 -45.96 29.44
N LEU A 345 28.93 -45.15 28.60
CA LEU A 345 28.22 -44.48 27.52
C LEU A 345 27.51 -45.47 26.61
N GLU A 346 28.00 -46.71 26.53
CA GLU A 346 27.36 -47.74 25.72
C GLU A 346 26.18 -48.38 26.44
N ASN A 347 25.86 -47.95 27.66
CA ASN A 347 24.78 -48.56 28.42
C ASN A 347 23.42 -48.36 27.75
N ALA A 348 23.31 -47.44 26.80
CA ALA A 348 22.10 -47.26 26.00
C ALA A 348 21.00 -46.57 26.78
N HIS A 349 21.21 -46.34 28.07
CA HIS A 349 20.27 -45.57 28.89
C HIS A 349 20.81 -44.17 29.17
N VAL A 350 22.02 -44.08 29.71
CA VAL A 350 22.63 -42.77 29.93
C VAL A 350 22.74 -42.02 28.62
N LEU A 351 22.94 -42.74 27.52
CA LEU A 351 23.03 -42.08 26.22
C LEU A 351 21.71 -41.43 25.84
N ALA A 352 20.58 -42.00 26.25
CA ALA A 352 19.29 -41.40 25.94
C ALA A 352 19.14 -40.04 26.62
N VAL A 353 19.41 -39.99 27.93
CA VAL A 353 19.32 -38.72 28.63
C VAL A 353 20.38 -37.74 28.11
N LEU A 354 21.54 -38.26 27.70
CA LEU A 354 22.53 -37.39 27.08
C LEU A 354 21.98 -36.77 25.81
N LEU A 355 21.29 -37.55 24.99
CA LEU A 355 20.67 -37.01 23.79
C LEU A 355 19.62 -35.96 24.15
N PHE A 356 18.82 -36.24 25.16
CA PHE A 356 17.79 -35.28 25.57
C PHE A 356 18.42 -33.95 25.97
N LEU A 357 19.41 -33.99 26.85
CA LEU A 357 20.06 -32.76 27.30
C LEU A 357 20.75 -32.06 26.13
N ALA A 358 21.41 -32.82 25.26
CA ALA A 358 22.11 -32.21 24.14
C ALA A 358 21.13 -31.50 23.21
N LEU A 359 19.99 -32.13 22.96
CA LEU A 359 18.98 -31.49 22.12
C LEU A 359 18.47 -30.20 22.77
N ILE A 360 18.20 -30.24 24.07
CA ILE A 360 17.70 -29.04 24.74
C ILE A 360 18.74 -27.92 24.65
N LEU A 361 20.00 -28.24 24.94
CA LEU A 361 21.04 -27.22 24.89
C LEU A 361 21.21 -26.67 23.49
N GLN A 362 21.29 -27.57 22.50
CA GLN A 362 21.37 -27.15 21.10
C GLN A 362 20.30 -26.12 20.81
N ARG A 363 19.04 -26.48 21.04
CA ARG A 363 17.96 -25.67 20.55
C ARG A 363 17.83 -24.37 21.34
N THR A 364 18.12 -24.41 22.65
CA THR A 364 18.13 -23.16 23.41
C THR A 364 19.21 -22.21 22.90
N PHE A 365 20.41 -22.74 22.64
CA PHE A 365 21.45 -21.89 22.07
C PHE A 365 21.04 -21.34 20.71
N LEU A 366 20.43 -22.17 19.88
CA LEU A 366 20.03 -21.74 18.55
C LEU A 366 19.03 -20.61 18.64
N GLN A 367 18.04 -20.74 19.53
CA GLN A 367 17.06 -19.67 19.69
C GLN A 367 17.70 -18.41 20.27
N ALA A 368 18.65 -18.57 21.18
CA ALA A 368 19.35 -17.39 21.69
C ALA A 368 20.08 -16.67 20.56
N SER A 369 20.72 -17.43 19.67
CA SER A 369 21.39 -16.81 18.53
C SER A 369 20.39 -16.09 17.64
N TYR A 370 19.27 -16.75 17.34
CA TYR A 370 18.23 -16.12 16.54
C TYR A 370 17.85 -14.78 17.15
N TYR A 371 17.62 -14.75 18.46
CA TYR A 371 17.13 -13.54 19.09
C TYR A 371 18.19 -12.45 19.12
N VAL A 372 19.45 -12.82 19.37
CA VAL A 372 20.50 -11.81 19.38
C VAL A 372 20.65 -11.18 18.01
N THR A 373 20.66 -12.01 16.96
CA THR A 373 20.78 -11.45 15.62
C THR A 373 19.56 -10.64 15.25
N ILE A 374 18.38 -11.04 15.71
CA ILE A 374 17.18 -10.24 15.47
C ILE A 374 17.34 -8.86 16.09
N GLU A 375 17.79 -8.82 17.35
CA GLU A 375 17.94 -7.55 18.02
C GLU A 375 18.95 -6.66 17.30
N THR A 376 20.09 -7.23 16.91
CA THR A 376 21.10 -6.39 16.25
C THR A 376 20.58 -5.91 14.90
N GLY A 377 19.85 -6.75 14.17
CA GLY A 377 19.28 -6.32 12.91
C GLY A 377 18.30 -5.19 13.07
N ILE A 378 17.43 -5.28 14.07
CA ILE A 378 16.45 -4.21 14.29
C ILE A 378 17.14 -2.94 14.73
N ASN A 379 18.17 -3.04 15.58
CA ASN A 379 18.94 -1.86 15.92
C ASN A 379 19.54 -1.22 14.68
N LEU A 380 20.08 -2.04 13.77
CA LEU A 380 20.65 -1.50 12.55
C LEU A 380 19.59 -0.81 11.72
N ARG A 381 18.41 -1.40 11.63
CA ARG A 381 17.35 -0.76 10.85
C ARG A 381 16.98 0.58 11.44
N GLY A 382 16.83 0.65 12.76
CA GLY A 382 16.51 1.92 13.39
C GLY A 382 17.58 2.97 13.12
N ALA A 383 18.85 2.58 13.26
CA ALA A 383 19.93 3.52 13.05
C ALA A 383 19.96 4.00 11.60
N LEU A 384 19.77 3.10 10.65
CA LEU A 384 19.78 3.49 9.25
C LEU A 384 18.62 4.43 8.93
N LEU A 385 17.43 4.14 9.45
CA LEU A 385 16.31 5.02 9.20
C LEU A 385 16.58 6.40 9.77
N ALA A 386 17.11 6.47 10.98
CA ALA A 386 17.42 7.78 11.56
C ALA A 386 18.46 8.51 10.74
N MET A 387 19.49 7.80 10.27
CA MET A 387 20.55 8.45 9.50
C MET A 387 20.01 9.00 8.20
N ILE A 388 19.27 8.19 7.44
CA ILE A 388 18.74 8.69 6.18
C ILE A 388 17.72 9.79 6.43
N TYR A 389 17.04 9.78 7.58
CA TYR A 389 16.13 10.87 7.87
C TYR A 389 16.88 12.16 8.11
N ASN A 390 17.99 12.10 8.85
CA ASN A 390 18.80 13.29 9.03
C ASN A 390 19.30 13.81 7.69
N LYS A 391 19.71 12.89 6.81
CA LYS A 391 20.13 13.30 5.48
C LYS A 391 19.00 14.00 4.75
N ILE A 392 17.78 13.45 4.83
CA ILE A 392 16.65 14.08 4.18
C ILE A 392 16.44 15.49 4.73
N LEU A 393 16.52 15.64 6.05
CA LEU A 393 16.36 16.96 6.64
C LEU A 393 17.42 17.93 6.13
N ARG A 394 18.63 17.44 5.86
CA ARG A 394 19.68 18.31 5.35
C ARG A 394 19.75 18.33 3.82
N LEU A 395 18.90 17.57 3.14
CA LEU A 395 18.91 17.56 1.69
C LEU A 395 18.71 18.97 1.14
N SER A 396 19.06 19.15 -0.13
CA SER A 396 18.82 20.39 -0.84
C SER A 396 17.56 20.27 -1.69
N THR A 397 17.15 21.40 -2.26
CA THR A 397 15.93 21.47 -3.05
C THR A 397 16.18 21.86 -4.50
N SER A 398 17.44 21.92 -4.92
CA SER A 398 17.74 22.28 -6.30
C SER A 398 17.13 21.27 -7.26
N ASN A 399 16.46 21.77 -8.31
CA ASN A 399 15.86 20.88 -9.28
C ASN A 399 16.89 19.99 -9.96
N LEU A 400 18.14 20.47 -10.05
CA LEU A 400 19.21 19.63 -10.58
C LEU A 400 19.40 18.40 -9.71
N SER A 401 19.44 18.58 -8.39
CA SER A 401 19.65 17.46 -7.48
C SER A 401 18.35 16.70 -7.22
N MET A 402 17.37 17.38 -6.63
CA MET A 402 16.11 16.73 -6.28
C MET A 402 15.22 16.69 -7.52
N GLY A 403 15.27 15.57 -8.23
CA GLY A 403 14.47 15.38 -9.42
C GLY A 403 13.10 14.82 -9.09
N GLU A 404 12.33 14.56 -10.15
CA GLU A 404 10.99 13.99 -9.98
C GLU A 404 11.06 12.62 -9.30
N MET A 405 12.16 11.88 -9.50
CA MET A 405 12.30 10.54 -8.94
C MET A 405 12.99 10.54 -7.59
N THR A 406 13.34 11.70 -7.05
CA THR A 406 14.00 11.74 -5.74
C THR A 406 13.09 11.19 -4.65
N LEU A 407 11.83 11.59 -4.66
CA LEU A 407 10.89 11.09 -3.65
C LEU A 407 10.65 9.60 -3.82
N GLY A 408 10.57 9.12 -5.06
CA GLY A 408 10.49 7.69 -5.28
C GLY A 408 11.70 6.95 -4.72
N GLN A 409 12.89 7.51 -4.92
CA GLN A 409 14.09 6.89 -4.37
C GLN A 409 14.03 6.84 -2.86
N ILE A 410 13.59 7.93 -2.23
CA ILE A 410 13.52 7.95 -0.77
C ILE A 410 12.51 6.92 -0.26
N ASN A 411 11.35 6.84 -0.90
CA ASN A 411 10.36 5.84 -0.49
C ASN A 411 10.90 4.43 -0.67
N ASN A 412 11.63 4.20 -1.77
CA ASN A 412 12.23 2.89 -1.97
C ASN A 412 13.23 2.57 -0.87
N LEU A 413 14.08 3.54 -0.53
CA LEU A 413 15.06 3.34 0.53
C LEU A 413 14.37 2.96 1.83
N VAL A 414 13.38 3.75 2.23
CA VAL A 414 12.74 3.50 3.53
C VAL A 414 11.98 2.18 3.51
N ALA A 415 11.38 1.82 2.38
CA ALA A 415 10.44 0.70 2.36
C ALA A 415 11.09 -0.62 1.95
N ILE A 416 12.15 -0.59 1.15
CA ILE A 416 12.70 -1.81 0.59
C ILE A 416 14.17 -1.97 0.99
N GLU A 417 15.00 -0.99 0.60
CA GLU A 417 16.44 -1.13 0.78
C GLU A 417 16.79 -1.37 2.24
N THR A 418 16.27 -0.53 3.14
CA THR A 418 16.56 -0.71 4.55
C THR A 418 16.02 -2.05 5.06
N ASN A 419 14.83 -2.44 4.63
CA ASN A 419 14.28 -3.71 5.08
C ASN A 419 15.13 -4.87 4.60
N GLN A 420 15.59 -4.83 3.34
CA GLN A 420 16.43 -5.90 2.85
C GLN A 420 17.76 -5.95 3.59
N LEU A 421 18.31 -4.79 3.92
CA LEU A 421 19.55 -4.78 4.71
C LEU A 421 19.30 -5.37 6.10
N MET A 422 18.15 -5.07 6.69
CA MET A 422 17.80 -5.68 7.97
C MET A 422 17.71 -7.19 7.85
N TRP A 423 17.08 -7.68 6.78
CA TRP A 423 16.96 -9.12 6.62
C TRP A 423 18.32 -9.76 6.43
N PHE A 424 19.21 -9.12 5.68
CA PHE A 424 20.55 -9.65 5.55
C PHE A 424 21.25 -9.69 6.90
N LEU A 425 21.03 -8.68 7.73
CA LEU A 425 21.61 -8.73 9.07
C LEU A 425 21.04 -9.88 9.88
N PHE A 426 19.74 -10.14 9.74
CA PHE A 426 19.14 -11.29 10.40
C PHE A 426 19.84 -12.58 9.99
N LEU A 427 20.06 -12.75 8.69
CA LEU A 427 20.56 -14.01 8.16
C LEU A 427 22.08 -14.10 8.17
N CYS A 428 22.79 -13.03 8.53
CA CYS A 428 24.25 -13.04 8.45
C CYS A 428 24.89 -14.22 9.18
N PRO A 429 24.51 -14.57 10.41
CA PRO A 429 25.15 -15.72 11.05
C PRO A 429 25.05 -16.99 10.23
N ASN A 430 23.93 -17.17 9.53
CA ASN A 430 23.77 -18.36 8.70
C ASN A 430 24.87 -18.44 7.65
N LEU A 431 25.29 -17.29 7.12
CA LEU A 431 26.25 -17.31 6.03
C LEU A 431 27.56 -18.00 6.43
N TRP A 432 27.85 -18.10 7.73
CA TRP A 432 29.00 -18.84 8.20
C TRP A 432 28.64 -20.14 8.91
N ALA A 433 27.45 -20.24 9.50
CA ALA A 433 27.06 -21.46 10.18
C ALA A 433 26.55 -22.54 9.24
N MET A 434 26.22 -22.19 8.00
CA MET A 434 25.72 -23.18 7.04
C MET A 434 26.87 -23.98 6.45
N PRO A 435 27.89 -23.34 5.86
CA PRO A 435 28.96 -24.13 5.23
C PRO A 435 29.67 -25.05 6.22
N VAL A 436 29.90 -24.57 7.44
CA VAL A 436 30.53 -25.42 8.45
C VAL A 436 29.64 -26.61 8.77
N GLN A 437 28.34 -26.38 8.89
CA GLN A 437 27.42 -27.47 9.16
C GLN A 437 27.44 -28.50 8.04
N ILE A 438 27.47 -28.04 6.79
CA ILE A 438 27.46 -28.95 5.66
C ILE A 438 28.75 -29.77 5.64
N ILE A 439 29.89 -29.11 5.87
CA ILE A 439 31.16 -29.83 5.86
C ILE A 439 31.21 -30.86 6.97
N MET A 440 30.76 -30.47 8.17
CA MET A 440 30.73 -31.42 9.28
C MET A 440 29.82 -32.60 8.96
N GLY A 441 28.66 -32.32 8.35
CA GLY A 441 27.78 -33.41 7.97
C GLY A 441 28.41 -34.36 6.99
N VAL A 442 29.12 -33.82 5.99
CA VAL A 442 29.76 -34.68 5.01
C VAL A 442 30.84 -35.53 5.68
N ILE A 443 31.63 -34.92 6.57
CA ILE A 443 32.68 -35.68 7.25
C ILE A 443 32.07 -36.79 8.09
N LEU A 444 31.01 -36.47 8.83
CA LEU A 444 30.35 -37.48 9.65
C LEU A 444 29.77 -38.58 8.78
N LEU A 445 29.21 -38.23 7.63
CA LEU A 445 28.68 -39.24 6.71
C LEU A 445 29.79 -40.17 6.26
N TYR A 446 30.93 -39.61 5.88
CA TYR A 446 32.04 -40.46 5.45
C TYR A 446 32.48 -41.38 6.58
N ASN A 447 32.58 -40.86 7.79
CA ASN A 447 33.01 -41.68 8.91
C ASN A 447 32.01 -42.81 9.18
N LEU A 448 30.71 -42.52 9.15
CA LEU A 448 29.72 -43.51 9.51
C LEU A 448 29.55 -44.56 8.42
N LEU A 449 29.54 -44.14 7.16
CA LEU A 449 29.18 -45.03 6.06
C LEU A 449 30.28 -45.18 5.03
N GLY A 450 31.44 -44.57 5.23
CA GLY A 450 32.55 -44.76 4.32
C GLY A 450 32.41 -43.97 3.03
N SER A 451 33.32 -44.26 2.11
CA SER A 451 33.37 -43.52 0.85
C SER A 451 32.08 -43.66 0.05
N SER A 452 31.28 -44.70 0.32
CA SER A 452 30.03 -44.88 -0.42
C SER A 452 29.16 -43.64 -0.32
N ALA A 453 29.02 -43.09 0.89
CA ALA A 453 28.16 -41.94 1.10
C ALA A 453 28.59 -40.73 0.28
N LEU A 454 29.75 -40.78 -0.38
CA LEU A 454 30.17 -39.66 -1.21
C LEU A 454 29.16 -39.39 -2.31
N VAL A 455 28.55 -40.45 -2.86
CA VAL A 455 27.56 -40.26 -3.92
C VAL A 455 26.39 -39.44 -3.40
N GLY A 456 25.87 -39.83 -2.23
CA GLY A 456 24.77 -39.08 -1.65
C GLY A 456 25.17 -37.66 -1.30
N ALA A 457 26.39 -37.48 -0.81
CA ALA A 457 26.86 -36.14 -0.49
C ALA A 457 26.84 -35.27 -1.74
N ALA A 458 27.34 -35.80 -2.86
CA ALA A 458 27.30 -35.04 -4.11
C ALA A 458 25.87 -34.76 -4.54
N VAL A 459 25.00 -35.76 -4.43
CA VAL A 459 23.61 -35.58 -4.87
C VAL A 459 22.94 -34.46 -4.08
N ILE A 460 23.15 -34.43 -2.77
CA ILE A 460 22.53 -33.38 -1.96
C ILE A 460 23.19 -32.04 -2.24
N VAL A 461 24.52 -32.01 -2.31
CA VAL A 461 25.20 -30.75 -2.61
C VAL A 461 24.70 -30.16 -3.91
N LEU A 462 24.25 -31.00 -4.83
CA LEU A 462 23.64 -30.50 -6.05
C LEU A 462 22.35 -29.74 -5.77
N LEU A 463 21.79 -29.87 -4.57
CA LEU A 463 20.53 -29.18 -4.26
C LEU A 463 20.71 -27.66 -4.29
N ALA A 464 21.79 -27.14 -3.72
CA ALA A 464 21.93 -25.69 -3.59
C ALA A 464 21.96 -25.00 -4.94
N PRO A 465 22.79 -25.38 -5.91
CA PRO A 465 22.75 -24.69 -7.21
C PRO A 465 21.39 -24.75 -7.87
N ILE A 466 20.71 -25.89 -7.78
CA ILE A 466 19.38 -26.01 -8.37
C ILE A 466 18.44 -25.01 -7.71
N GLN A 467 18.49 -24.93 -6.38
CA GLN A 467 17.63 -24.00 -5.67
C GLN A 467 17.92 -22.57 -6.06
N TYR A 468 19.20 -22.20 -6.18
CA TYR A 468 19.51 -20.83 -6.57
C TYR A 468 19.02 -20.52 -7.97
N PHE A 469 19.22 -21.45 -8.91
CA PHE A 469 18.77 -21.22 -10.28
C PHE A 469 17.26 -21.03 -10.34
N ILE A 470 16.52 -21.94 -9.70
CA ILE A 470 15.06 -21.83 -9.75
C ILE A 470 14.59 -20.61 -8.98
N ALA A 471 15.30 -20.21 -7.93
CA ALA A 471 14.93 -19.00 -7.20
C ALA A 471 15.10 -17.77 -8.07
N THR A 472 16.19 -17.70 -8.84
CA THR A 472 16.37 -16.58 -9.73
C THR A 472 15.27 -16.53 -10.80
N LYS A 473 14.95 -17.69 -11.38
CA LYS A 473 13.87 -17.72 -12.35
C LYS A 473 12.55 -17.30 -11.70
N LEU A 474 12.34 -17.71 -10.44
CA LEU A 474 11.14 -17.31 -9.72
C LEU A 474 11.09 -15.80 -9.54
N ALA A 475 12.22 -15.19 -9.20
CA ALA A 475 12.26 -13.74 -9.05
C ALA A 475 11.94 -13.05 -10.37
N GLU A 476 12.46 -13.58 -11.48
CA GLU A 476 12.12 -13.04 -12.80
C GLU A 476 10.61 -13.09 -13.02
N ALA A 477 10.02 -14.27 -12.83
CA ALA A 477 8.59 -14.40 -13.04
C ALA A 477 7.81 -13.48 -12.11
N GLN A 478 8.30 -13.29 -10.89
CA GLN A 478 7.61 -12.44 -9.94
C GLN A 478 7.68 -10.98 -10.35
N LYS A 479 8.79 -10.55 -10.92
CA LYS A 479 8.86 -9.20 -11.47
C LYS A 479 7.86 -9.02 -12.59
N SER A 480 7.76 -10.01 -13.48
CA SER A 480 6.78 -9.93 -14.57
C SER A 480 5.36 -9.81 -14.00
N THR A 481 5.04 -10.67 -13.03
CA THR A 481 3.72 -10.64 -12.43
C THR A 481 3.48 -9.33 -11.70
N LEU A 482 4.51 -8.75 -11.10
CA LEU A 482 4.35 -7.44 -10.45
C LEU A 482 4.03 -6.36 -11.46
N ASP A 483 4.69 -6.38 -12.62
CA ASP A 483 4.36 -5.41 -13.66
C ASP A 483 2.90 -5.54 -14.08
N TYR A 484 2.47 -6.77 -14.37
CA TYR A 484 1.08 -6.95 -14.79
C TYR A 484 0.11 -6.57 -13.68
N SER A 485 0.47 -6.88 -12.43
CA SER A 485 -0.39 -6.53 -11.30
C SER A 485 -0.52 -5.03 -11.15
N THR A 486 0.58 -4.30 -11.33
CA THR A 486 0.51 -2.85 -11.26
C THR A 486 -0.39 -2.30 -12.35
N GLU A 487 -0.27 -2.83 -13.56
CA GLU A 487 -1.14 -2.37 -14.64
C GLU A 487 -2.61 -2.63 -14.29
N ARG A 488 -2.91 -3.84 -13.81
CA ARG A 488 -4.28 -4.17 -13.44
C ARG A 488 -4.79 -3.27 -12.34
N LEU A 489 -3.95 -2.98 -11.35
CA LEU A 489 -4.36 -2.13 -10.24
C LEU A 489 -4.65 -0.73 -10.72
N LYS A 490 -3.83 -0.21 -11.64
CA LYS A 490 -4.10 1.10 -12.22
C LYS A 490 -5.45 1.12 -12.92
N LYS A 491 -5.71 0.10 -13.74
CA LYS A 491 -6.99 0.04 -14.44
C LYS A 491 -8.14 -0.01 -13.46
N THR A 492 -8.04 -0.85 -12.43
CA THR A 492 -9.12 -0.97 -11.46
C THR A 492 -9.32 0.33 -10.70
N ASN A 493 -8.23 0.98 -10.32
CA ASN A 493 -8.34 2.23 -9.57
C ASN A 493 -9.02 3.30 -10.40
N GLU A 494 -8.66 3.43 -11.68
CA GLU A 494 -9.34 4.40 -12.52
C GLU A 494 -10.81 4.04 -12.70
N ILE A 495 -11.12 2.74 -12.76
CA ILE A 495 -12.51 2.33 -12.92
C ILE A 495 -13.32 2.74 -11.70
N LEU A 496 -12.84 2.39 -10.51
CA LEU A 496 -13.58 2.71 -9.30
C LEU A 496 -13.83 4.21 -9.18
N LYS A 497 -12.78 5.00 -9.34
CA LYS A 497 -12.94 6.44 -9.36
C LYS A 497 -13.81 6.83 -10.55
N GLY A 498 -14.91 7.53 -10.28
CA GLY A 498 -15.84 7.85 -11.33
C GLY A 498 -16.73 6.71 -11.75
N ILE A 499 -16.88 5.68 -10.90
CA ILE A 499 -17.73 4.55 -11.26
C ILE A 499 -19.13 5.00 -11.61
N LYS A 500 -19.62 6.05 -10.93
CA LYS A 500 -20.93 6.60 -11.27
C LYS A 500 -20.99 6.99 -12.74
N LEU A 501 -19.91 7.57 -13.26
CA LEU A 501 -19.89 7.95 -14.67
C LEU A 501 -20.01 6.73 -15.57
N LEU A 502 -19.26 5.66 -15.25
CA LEU A 502 -19.34 4.46 -16.06
C LEU A 502 -20.76 3.88 -16.03
N LYS A 503 -21.38 3.84 -14.85
CA LYS A 503 -22.75 3.34 -14.77
C LYS A 503 -23.69 4.20 -15.60
N LEU A 504 -23.54 5.52 -15.54
CA LEU A 504 -24.37 6.40 -16.36
C LEU A 504 -24.20 6.09 -17.84
N TYR A 505 -22.94 5.95 -18.29
CA TYR A 505 -22.69 5.60 -19.68
C TYR A 505 -22.97 4.15 -19.99
N ALA A 506 -23.20 3.31 -18.97
CA ALA A 506 -23.44 1.89 -19.15
C ALA A 506 -22.25 1.17 -19.77
N TRP A 507 -21.06 1.75 -19.63
CA TRP A 507 -19.83 1.19 -20.19
C TRP A 507 -19.09 0.29 -19.23
N GLU A 508 -19.66 0.02 -18.04
CA GLU A 508 -18.96 -0.79 -17.06
C GLU A 508 -18.55 -2.14 -17.62
N HIS A 509 -19.33 -2.69 -18.55
CA HIS A 509 -19.01 -4.02 -19.07
C HIS A 509 -17.74 -4.02 -19.87
N ILE A 510 -17.51 -3.00 -20.69
CA ILE A 510 -16.31 -2.96 -21.52
C ILE A 510 -15.07 -2.81 -20.65
N PHE A 511 -15.13 -1.93 -19.65
CA PHE A 511 -14.00 -1.77 -18.74
C PHE A 511 -13.76 -3.06 -17.95
N CYS A 512 -14.83 -3.74 -17.54
CA CYS A 512 -14.67 -5.02 -16.86
C CYS A 512 -13.99 -6.02 -17.77
N LYS A 513 -14.36 -6.05 -19.06
CA LYS A 513 -13.72 -6.96 -19.99
C LYS A 513 -12.23 -6.64 -20.14
N SER A 514 -11.89 -5.36 -20.22
CA SER A 514 -10.48 -4.99 -20.33
C SER A 514 -9.71 -5.42 -19.10
N VAL A 515 -10.28 -5.20 -17.91
CA VAL A 515 -9.62 -5.62 -16.68
C VAL A 515 -9.51 -7.14 -16.65
N GLU A 516 -10.50 -7.85 -17.18
CA GLU A 516 -10.42 -9.30 -17.23
C GLU A 516 -9.29 -9.75 -18.15
N GLU A 517 -9.08 -9.05 -19.26
CA GLU A 517 -7.94 -9.36 -20.11
C GLU A 517 -6.62 -9.13 -19.37
N THR A 518 -6.53 -8.02 -18.64
CA THR A 518 -5.32 -7.76 -17.86
C THR A 518 -5.09 -8.86 -16.84
N ARG A 519 -6.16 -9.27 -16.15
CA ARG A 519 -6.07 -10.36 -15.19
C ARG A 519 -5.67 -11.66 -15.88
N MET A 520 -6.12 -11.87 -17.11
CA MET A 520 -5.75 -13.07 -17.85
C MET A 520 -4.25 -13.10 -18.09
N LYS A 521 -3.68 -11.97 -18.50
CA LYS A 521 -2.23 -11.92 -18.69
C LYS A 521 -1.49 -12.09 -17.35
N GLU A 522 -2.01 -11.45 -16.30
CA GLU A 522 -1.43 -11.63 -14.97
C GLU A 522 -1.40 -13.09 -14.58
N LEU A 523 -2.51 -13.79 -14.80
CA LEU A 523 -2.57 -15.21 -14.48
C LEU A 523 -1.63 -16.01 -15.36
N SER A 524 -1.47 -15.61 -16.63
CA SER A 524 -0.54 -16.31 -17.49
C SER A 524 0.88 -16.25 -16.93
N SER A 525 1.29 -15.08 -16.43
CA SER A 525 2.60 -14.98 -15.81
C SER A 525 2.65 -15.74 -14.48
N LEU A 526 1.59 -15.62 -13.68
CA LEU A 526 1.55 -16.30 -12.40
C LEU A 526 1.59 -17.81 -12.57
N LYS A 527 1.17 -18.32 -13.72
CA LYS A 527 1.26 -19.76 -13.96
C LYS A 527 2.71 -20.20 -14.06
N THR A 528 3.55 -19.44 -14.77
CA THR A 528 4.98 -19.75 -14.79
C THR A 528 5.59 -19.59 -13.41
N PHE A 529 5.18 -18.56 -12.68
CA PHE A 529 5.66 -18.41 -11.31
C PHE A 529 5.33 -19.65 -10.48
N ALA A 530 4.08 -20.12 -10.59
CA ALA A 530 3.67 -21.32 -9.87
C ALA A 530 4.46 -22.54 -10.32
N LEU A 531 4.73 -22.64 -11.62
CA LEU A 531 5.51 -23.75 -12.12
C LEU A 531 6.88 -23.79 -11.44
N TYR A 532 7.55 -22.63 -11.37
CA TYR A 532 8.87 -22.60 -10.76
C TYR A 532 8.80 -22.87 -9.26
N THR A 533 7.78 -22.33 -8.58
CA THR A 533 7.63 -22.62 -7.16
C THR A 533 7.43 -24.12 -6.92
N SER A 534 6.58 -24.75 -7.73
CA SER A 534 6.35 -26.18 -7.60
C SER A 534 7.62 -26.96 -7.88
N LEU A 535 8.38 -26.53 -8.89
CA LEU A 535 9.65 -27.20 -9.17
C LEU A 535 10.58 -27.11 -7.98
N SER A 536 10.64 -25.94 -7.34
CA SER A 536 11.49 -25.79 -6.17
C SER A 536 11.05 -26.71 -5.05
N ILE A 537 9.76 -26.76 -4.78
CA ILE A 537 9.26 -27.63 -3.71
C ILE A 537 9.57 -29.09 -4.03
N PHE A 538 9.35 -29.49 -5.29
CA PHE A 538 9.62 -30.87 -5.68
C PHE A 538 11.08 -31.21 -5.52
N MET A 539 11.97 -30.32 -5.97
CA MET A 539 13.40 -30.58 -5.82
C MET A 539 13.76 -30.71 -4.34
N ASN A 540 13.28 -29.78 -3.51
CA ASN A 540 13.61 -29.83 -2.09
C ASN A 540 13.13 -31.12 -1.46
N ALA A 541 11.95 -31.61 -1.85
CA ALA A 541 11.37 -32.78 -1.22
C ALA A 541 11.79 -34.10 -1.87
N ALA A 542 12.47 -34.05 -3.01
CA ALA A 542 12.86 -35.26 -3.73
C ALA A 542 14.36 -35.51 -3.75
N ILE A 543 15.18 -34.48 -3.91
CA ILE A 543 16.62 -34.65 -3.99
C ILE A 543 17.10 -35.44 -2.76
N PRO A 544 16.60 -35.18 -1.56
CA PRO A 544 16.97 -36.05 -0.43
C PRO A 544 16.68 -37.51 -0.70
N ILE A 545 15.54 -37.81 -1.33
CA ILE A 545 15.21 -39.20 -1.64
C ILE A 545 16.23 -39.77 -2.62
N ALA A 546 16.58 -38.99 -3.64
CA ALA A 546 17.57 -39.46 -4.61
C ALA A 546 18.90 -39.74 -3.93
N ALA A 547 19.31 -38.85 -3.03
CA ALA A 547 20.57 -39.04 -2.33
C ALA A 547 20.53 -40.29 -1.47
N VAL A 548 19.43 -40.52 -0.75
CA VAL A 548 19.32 -41.73 0.05
C VAL A 548 19.41 -42.95 -0.85
N LEU A 549 18.69 -42.93 -1.97
CA LEU A 549 18.70 -44.05 -2.90
C LEU A 549 20.12 -44.36 -3.35
N ALA A 550 20.83 -43.34 -3.85
CA ALA A 550 22.16 -43.55 -4.38
C ALA A 550 23.09 -44.06 -3.28
N THR A 551 23.05 -43.43 -2.10
CA THR A 551 23.92 -43.83 -1.02
C THR A 551 23.72 -45.30 -0.68
N PHE A 552 22.48 -45.71 -0.47
CA PHE A 552 22.24 -47.06 0.01
C PHE A 552 22.48 -48.10 -1.07
N VAL A 553 22.12 -47.81 -2.33
CA VAL A 553 22.40 -48.77 -3.38
C VAL A 553 23.90 -48.95 -3.54
N THR A 554 24.65 -47.84 -3.54
CA THR A 554 26.10 -47.94 -3.67
C THR A 554 26.70 -48.71 -2.50
N HIS A 555 26.24 -48.43 -1.28
CA HIS A 555 26.77 -49.14 -0.12
C HIS A 555 26.47 -50.63 -0.22
N ALA A 556 25.25 -50.98 -0.64
CA ALA A 556 24.88 -52.38 -0.74
C ALA A 556 25.73 -53.11 -1.78
N TYR A 557 25.98 -52.47 -2.91
CA TYR A 557 26.74 -53.11 -3.97
C TYR A 557 28.24 -52.92 -3.86
N ALA A 558 28.71 -52.18 -2.85
CA ALA A 558 30.14 -51.89 -2.71
C ALA A 558 30.57 -52.02 -1.26
N SER A 559 30.14 -53.08 -0.59
CA SER A 559 30.59 -53.34 0.78
C SER A 559 30.49 -54.84 1.04
N GLY A 560 31.63 -55.46 1.35
CA GLY A 560 31.60 -56.85 1.77
C GLY A 560 30.77 -57.06 3.01
N ASN A 561 30.57 -56.01 3.80
CA ASN A 561 29.77 -56.06 5.01
C ASN A 561 28.36 -55.60 4.70
N ASN A 562 27.38 -56.39 5.13
CA ASN A 562 25.98 -56.03 4.91
C ASN A 562 25.64 -54.77 5.70
N LEU A 563 24.64 -54.04 5.20
CA LEU A 563 24.27 -52.76 5.78
C LEU A 563 23.82 -52.92 7.24
N LYS A 564 24.48 -52.22 8.16
CA LYS A 564 24.07 -52.26 9.54
C LYS A 564 22.93 -51.28 9.79
N PRO A 565 22.11 -51.50 10.82
CA PRO A 565 21.00 -50.57 11.07
C PRO A 565 21.46 -49.23 11.63
N ALA A 566 22.38 -49.26 12.60
CA ALA A 566 22.78 -48.02 13.26
C ALA A 566 23.35 -47.04 12.25
N GLU A 567 24.28 -47.50 11.42
CA GLU A 567 24.89 -46.61 10.42
C GLU A 567 23.83 -46.08 9.45
N ALA A 568 22.93 -46.95 9.00
CA ALA A 568 21.92 -46.53 8.04
C ALA A 568 21.05 -45.43 8.62
N PHE A 569 20.56 -45.62 9.83
CA PHE A 569 19.64 -44.63 10.40
C PHE A 569 20.39 -43.36 10.80
N ALA A 570 21.62 -43.47 11.27
CA ALA A 570 22.40 -42.27 11.53
C ALA A 570 22.61 -41.46 10.26
N SER A 571 22.93 -42.14 9.16
CA SER A 571 23.10 -41.44 7.89
C SER A 571 21.79 -40.81 7.43
N LEU A 572 20.67 -41.51 7.61
CA LEU A 572 19.39 -40.94 7.21
C LEU A 572 19.07 -39.68 8.02
N SER A 573 19.31 -39.74 9.33
CA SER A 573 19.12 -38.55 10.16
C SER A 573 20.05 -37.43 9.73
N LEU A 574 21.28 -37.77 9.36
CA LEU A 574 22.22 -36.75 8.91
C LEU A 574 21.73 -36.09 7.62
N PHE A 575 21.18 -36.88 6.70
CA PHE A 575 20.59 -36.29 5.50
C PHE A 575 19.45 -35.35 5.85
N HIS A 576 18.59 -35.76 6.79
CA HIS A 576 17.51 -34.88 7.20
C HIS A 576 18.03 -33.62 7.85
N ILE A 577 19.18 -33.71 8.53
CA ILE A 577 19.78 -32.53 9.15
C ILE A 577 20.35 -31.60 8.09
N LEU A 578 20.96 -32.18 7.04
CA LEU A 578 21.66 -31.37 6.06
C LEU A 578 20.75 -30.82 4.98
N VAL A 579 19.54 -31.36 4.82
CA VAL A 579 18.68 -30.89 3.73
C VAL A 579 18.35 -29.41 3.92
N THR A 580 17.98 -29.01 5.13
CA THR A 580 17.57 -27.63 5.34
C THR A 580 18.70 -26.64 5.12
N PRO A 581 19.88 -26.81 5.73
CA PRO A 581 20.96 -25.84 5.49
C PRO A 581 21.28 -25.67 4.01
N LEU A 582 21.34 -26.76 3.25
CA LEU A 582 21.61 -26.62 1.83
C LEU A 582 20.45 -25.96 1.10
N PHE A 583 19.22 -26.30 1.49
CA PHE A 583 18.06 -25.70 0.87
C PHE A 583 17.97 -24.20 1.11
N LEU A 584 18.58 -23.70 2.20
CA LEU A 584 18.47 -22.29 2.55
C LEU A 584 19.73 -21.48 2.28
N LEU A 585 20.86 -22.13 2.03
CA LEU A 585 22.07 -21.38 1.75
C LEU A 585 21.91 -20.54 0.49
N SER A 586 21.17 -21.05 -0.49
CA SER A 586 20.91 -20.29 -1.70
C SER A 586 20.15 -19.01 -1.39
N THR A 587 19.12 -19.11 -0.56
CA THR A 587 18.37 -17.92 -0.18
C THR A 587 19.24 -16.95 0.59
N VAL A 588 20.11 -17.47 1.46
CA VAL A 588 21.04 -16.59 2.18
C VAL A 588 21.91 -15.83 1.20
N VAL A 589 22.42 -16.52 0.18
CA VAL A 589 23.28 -15.87 -0.81
C VAL A 589 22.49 -14.81 -1.58
N ARG A 590 21.25 -15.12 -1.94
CA ARG A 590 20.43 -14.12 -2.63
C ARG A 590 20.25 -12.88 -1.77
N PHE A 591 19.96 -13.09 -0.49
CA PHE A 591 19.80 -11.94 0.41
C PHE A 591 21.09 -11.17 0.54
N ALA A 592 22.23 -11.85 0.57
CA ALA A 592 23.51 -11.15 0.65
C ALA A 592 23.75 -10.28 -0.58
N VAL A 593 23.46 -10.81 -1.76
CA VAL A 593 23.63 -10.03 -2.98
C VAL A 593 22.70 -8.82 -2.96
N LYS A 594 21.44 -9.04 -2.59
CA LYS A 594 20.50 -7.94 -2.54
C LYS A 594 20.95 -6.89 -1.53
N ALA A 595 21.53 -7.33 -0.42
CA ALA A 595 22.00 -6.39 0.59
C ALA A 595 23.19 -5.59 0.08
N ILE A 596 24.10 -6.22 -0.66
CA ILE A 596 25.21 -5.47 -1.24
C ILE A 596 24.67 -4.40 -2.18
N ILE A 597 23.71 -4.77 -3.03
CA ILE A 597 23.12 -3.78 -3.92
C ILE A 597 22.47 -2.66 -3.13
N SER A 598 21.74 -3.02 -2.06
CA SER A 598 21.05 -2.02 -1.26
C SER A 598 22.03 -1.06 -0.60
N VAL A 599 23.14 -1.59 -0.09
CA VAL A 599 24.13 -0.73 0.54
C VAL A 599 24.76 0.20 -0.48
N GLN A 600 25.02 -0.31 -1.69
CA GLN A 600 25.53 0.58 -2.74
C GLN A 600 24.56 1.70 -3.01
N LYS A 601 23.26 1.38 -3.12
CA LYS A 601 22.26 2.39 -3.38
C LYS A 601 22.16 3.40 -2.24
N LEU A 602 22.21 2.92 -1.01
CA LEU A 602 22.14 3.81 0.15
C LEU A 602 23.34 4.74 0.20
N ASN A 603 24.53 4.21 -0.11
CA ASN A 603 25.71 5.06 -0.14
C ASN A 603 25.59 6.12 -1.23
N GLU A 604 25.10 5.73 -2.41
CA GLU A 604 24.86 6.70 -3.46
C GLU A 604 23.92 7.81 -2.98
N PHE A 605 22.84 7.42 -2.31
CA PHE A 605 21.91 8.41 -1.77
C PHE A 605 22.62 9.35 -0.81
N LEU A 606 23.33 8.79 0.17
CA LEU A 606 23.94 9.61 1.21
C LEU A 606 24.94 10.58 0.62
N LEU A 607 25.75 10.14 -0.34
CA LEU A 607 26.74 11.01 -0.96
C LEU A 607 26.07 11.89 -2.03
N SER A 608 25.07 12.64 -1.58
CA SER A 608 24.29 13.51 -2.45
C SER A 608 24.39 14.96 -1.97
N ASP A 609 23.97 15.88 -2.83
CA ASP A 609 24.09 17.29 -2.53
C ASP A 609 23.27 17.65 -1.30
N GLU A 610 23.63 18.78 -0.68
CA GLU A 610 22.93 19.28 0.49
C GLU A 610 23.21 20.77 0.62
N ILE A 611 22.41 21.43 1.44
CA ILE A 611 22.56 22.86 1.67
C ILE A 611 23.95 23.15 2.23
N VAL A 666 15.59 47.23 10.79
CA VAL A 666 16.06 46.47 9.62
C VAL A 666 16.13 44.99 9.98
N ALA A 667 15.15 44.23 9.50
CA ALA A 667 15.11 42.80 9.83
C ALA A 667 16.22 42.05 9.13
N ILE A 668 16.39 42.27 7.83
CA ILE A 668 17.39 41.57 7.03
C ILE A 668 17.97 42.55 6.02
N LYS A 669 19.28 42.44 5.78
CA LYS A 669 19.95 43.16 4.72
C LYS A 669 20.92 42.23 4.00
N VAL A 670 21.02 42.40 2.69
CA VAL A 670 21.93 41.62 1.86
C VAL A 670 22.68 42.58 0.95
N THR A 671 24.00 42.42 0.90
CA THR A 671 24.86 43.28 0.09
C THR A 671 25.63 42.44 -0.92
N ASN A 672 25.61 42.85 -2.17
CA ASN A 672 26.36 42.19 -3.24
C ASN A 672 26.07 40.69 -3.24
N GLY A 673 24.79 40.35 -3.18
CA GLY A 673 24.38 38.96 -3.12
C GLY A 673 24.24 38.30 -4.49
N TYR A 674 24.97 37.21 -4.69
CA TYR A 674 24.89 36.40 -5.90
C TYR A 674 24.59 34.97 -5.50
N PHE A 675 23.53 34.40 -6.07
CA PHE A 675 23.06 33.07 -5.70
C PHE A 675 22.71 32.28 -6.95
N SER A 676 22.80 30.96 -6.83
CA SER A 676 22.50 30.05 -7.91
C SER A 676 21.92 28.76 -7.35
N TRP A 677 21.33 27.97 -8.25
CA TRP A 677 20.76 26.67 -7.89
C TRP A 677 21.73 25.53 -8.08
N GLY A 678 23.03 25.78 -7.96
CA GLY A 678 24.04 24.77 -8.20
C GLY A 678 24.40 24.57 -9.65
N SER A 679 23.74 25.28 -10.57
CA SER A 679 24.10 25.19 -11.98
C SER A 679 25.43 25.85 -12.30
N GLY A 680 26.00 26.60 -11.36
CA GLY A 680 27.20 27.37 -11.60
C GLY A 680 26.96 28.72 -12.21
N LEU A 681 25.72 29.04 -12.57
CA LEU A 681 25.34 30.32 -13.15
C LEU A 681 24.41 31.03 -12.17
N ALA A 682 24.77 32.25 -11.79
CA ALA A 682 23.98 32.99 -10.82
C ALA A 682 22.55 33.21 -11.33
N THR A 683 21.59 32.55 -10.68
CA THR A 683 20.20 32.82 -11.00
C THR A 683 19.73 34.14 -10.41
N LEU A 684 20.38 34.60 -9.35
CA LEU A 684 20.12 35.91 -8.76
C LEU A 684 21.42 36.67 -8.67
N SER A 685 21.38 37.96 -9.01
CA SER A 685 22.58 38.78 -9.10
C SER A 685 22.34 40.12 -8.42
N ASN A 686 23.44 40.73 -7.99
CA ASN A 686 23.44 42.06 -7.36
C ASN A 686 22.25 42.21 -6.41
N ILE A 687 22.10 41.25 -5.51
CA ILE A 687 21.02 41.26 -4.53
C ILE A 687 21.42 42.26 -3.44
N ASP A 688 20.86 43.46 -3.51
CA ASP A 688 21.06 44.51 -2.52
C ASP A 688 19.80 44.72 -1.70
N ILE A 689 19.10 43.62 -1.40
CA ILE A 689 17.79 43.71 -0.75
C ILE A 689 17.96 44.24 0.66
N ARG A 690 16.92 44.89 1.16
CA ARG A 690 16.84 45.32 2.55
C ARG A 690 15.41 45.10 3.04
N ILE A 691 15.27 44.51 4.22
CA ILE A 691 13.98 44.19 4.79
C ILE A 691 13.81 45.02 6.06
N PRO A 692 13.04 46.12 6.00
CA PRO A 692 12.83 46.91 7.21
C PRO A 692 12.11 46.10 8.27
N THR A 693 12.50 46.32 9.52
CA THR A 693 11.96 45.55 10.63
C THR A 693 10.52 45.95 10.93
N GLY A 694 9.69 44.96 11.23
CA GLY A 694 8.34 45.22 11.71
C GLY A 694 7.49 46.05 10.77
N GLN A 695 7.57 45.79 9.47
CA GLN A 695 6.77 46.52 8.51
C GLN A 695 6.51 45.63 7.30
N LEU A 696 5.33 45.79 6.71
CA LEU A 696 4.98 45.04 5.52
C LEU A 696 5.90 45.41 4.37
N THR A 697 6.38 44.40 3.66
CA THR A 697 7.23 44.59 2.49
C THR A 697 6.69 43.74 1.35
N MET A 698 6.64 44.31 0.15
CA MET A 698 6.11 43.62 -1.02
C MET A 698 7.18 43.48 -2.08
N ILE A 699 7.11 42.38 -2.82
CA ILE A 699 8.02 42.10 -3.94
C ILE A 699 7.19 41.98 -5.21
N VAL A 700 7.54 42.77 -6.22
CA VAL A 700 6.84 42.76 -7.49
C VAL A 700 7.81 42.36 -8.59
N GLY A 701 7.27 41.76 -9.64
CA GLY A 701 8.11 41.32 -10.75
C GLY A 701 7.25 40.62 -11.79
N GLN A 702 7.95 40.10 -12.80
CA GLN A 702 7.31 39.38 -13.90
C GLN A 702 7.34 37.87 -13.63
N VAL A 703 6.66 37.13 -14.52
CA VAL A 703 6.59 35.69 -14.36
C VAL A 703 8.00 35.11 -14.42
N GLY A 704 8.29 34.22 -13.47
CA GLY A 704 9.61 33.61 -13.41
C GLY A 704 10.72 34.60 -13.21
N CYS A 705 10.45 35.71 -12.51
CA CYS A 705 11.48 36.71 -12.28
C CYS A 705 12.57 36.20 -11.33
N GLY A 706 12.15 35.53 -10.26
CA GLY A 706 13.09 34.99 -9.29
C GLY A 706 12.71 35.29 -7.86
N LYS A 707 11.61 36.02 -7.68
CA LYS A 707 11.16 36.40 -6.35
C LYS A 707 11.06 35.18 -5.44
N SER A 708 10.51 34.09 -5.94
CA SER A 708 10.51 32.86 -5.17
C SER A 708 11.94 32.43 -4.86
N SER A 709 12.81 32.48 -5.86
CA SER A 709 14.21 32.19 -5.62
C SER A 709 14.82 33.19 -4.65
N LEU A 710 14.38 34.44 -4.69
CA LEU A 710 14.89 35.43 -3.75
C LEU A 710 14.56 35.02 -2.32
N LEU A 711 13.31 34.64 -2.08
CA LEU A 711 12.93 34.19 -0.74
C LEU A 711 13.73 32.97 -0.33
N LEU A 712 13.87 32.00 -1.23
CA LEU A 712 14.62 30.79 -0.90
C LEU A 712 16.07 31.11 -0.54
N ALA A 713 16.70 31.98 -1.34
CA ALA A 713 18.08 32.36 -1.05
C ALA A 713 18.19 33.08 0.29
N ILE A 714 17.26 34.00 0.55
CA ILE A 714 17.27 34.68 1.85
C ILE A 714 17.13 33.67 2.98
N LEU A 715 16.39 32.59 2.74
CA LEU A 715 16.34 31.50 3.71
C LEU A 715 17.63 30.71 3.76
N GLY A 716 18.56 30.95 2.85
CA GLY A 716 19.77 30.14 2.79
C GLY A 716 19.52 28.74 2.24
N GLU A 717 18.59 28.61 1.31
CA GLU A 717 18.24 27.32 0.73
C GLU A 717 19.00 27.01 -0.56
N MET A 718 19.92 27.89 -0.96
CA MET A 718 20.65 27.67 -2.21
C MET A 718 22.05 28.26 -2.07
N GLN A 719 22.96 27.74 -2.89
CA GLN A 719 24.36 28.16 -2.81
C GLN A 719 24.48 29.65 -3.05
N THR A 720 25.32 30.30 -2.24
CA THR A 720 25.58 31.73 -2.35
C THR A 720 26.98 31.90 -2.95
N LEU A 721 27.02 32.22 -4.24
CA LEU A 721 28.31 32.37 -4.91
C LEU A 721 29.12 33.49 -4.26
N GLU A 722 28.48 34.61 -3.97
CA GLU A 722 29.16 35.73 -3.33
C GLU A 722 28.12 36.61 -2.66
N GLY A 723 28.55 37.32 -1.63
CA GLY A 723 27.67 38.15 -0.84
C GLY A 723 27.21 37.46 0.43
N LYS A 724 26.77 38.28 1.39
CA LYS A 724 26.36 37.79 2.69
C LYS A 724 25.03 38.41 3.08
N VAL A 725 24.25 37.64 3.84
CA VAL A 725 22.95 38.08 4.34
C VAL A 725 23.02 38.13 5.86
N TYR A 726 22.45 39.18 6.44
CA TYR A 726 22.52 39.43 7.87
C TYR A 726 21.13 39.34 8.49
N TRP A 727 21.06 38.76 9.69
CA TRP A 727 19.83 38.72 10.47
C TRP A 727 19.97 39.66 11.66
N ASN A 728 18.97 40.51 11.85
CA ASN A 728 19.01 41.49 12.93
C ASN A 728 17.60 41.85 13.38
N ARG A 745 19.81 32.20 13.14
CA ARG A 745 18.76 33.04 12.58
C ARG A 745 17.41 32.67 13.19
N TYR A 746 16.61 33.68 13.49
CA TYR A 746 15.28 33.44 14.03
C TYR A 746 14.43 32.72 13.00
N SER A 747 13.56 31.83 13.48
CA SER A 747 12.67 31.12 12.59
C SER A 747 11.70 32.09 11.92
N VAL A 748 11.32 31.76 10.68
CA VAL A 748 10.47 32.62 9.87
C VAL A 748 9.27 31.80 9.39
N ALA A 749 8.09 32.38 9.49
CA ALA A 749 6.88 31.73 9.00
C ALA A 749 6.87 31.81 7.48
N TYR A 750 6.79 30.66 6.82
CA TYR A 750 6.93 30.57 5.38
C TYR A 750 5.76 29.80 4.79
N ALA A 751 5.11 30.38 3.79
CA ALA A 751 4.01 29.74 3.07
C ALA A 751 4.49 29.52 1.64
N ALA A 752 4.89 28.29 1.33
CA ALA A 752 5.52 28.01 0.04
C ALA A 752 4.57 28.32 -1.11
N GLN A 753 5.12 28.77 -2.24
CA GLN A 753 4.34 29.02 -3.44
C GLN A 753 3.47 27.82 -3.77
N LYS A 754 4.05 26.61 -3.61
CA LYS A 754 3.27 25.39 -3.72
C LYS A 754 2.81 25.00 -2.32
N PRO A 755 1.52 25.01 -2.02
CA PRO A 755 1.08 24.71 -0.66
C PRO A 755 1.43 23.29 -0.26
N TRP A 756 1.66 23.09 1.03
CA TRP A 756 2.03 21.81 1.58
C TRP A 756 1.22 21.55 2.85
N LEU A 757 0.89 20.27 3.07
CA LEU A 757 0.05 19.88 4.19
C LEU A 757 0.46 18.52 4.69
N LEU A 758 0.39 18.33 6.00
CA LEU A 758 0.67 17.03 6.60
C LEU A 758 -0.52 16.10 6.36
N ASN A 759 -0.42 14.88 6.90
CA ASN A 759 -1.54 13.94 6.92
C ASN A 759 -2.34 14.02 8.21
N ALA A 760 -1.96 14.88 9.13
CA ALA A 760 -2.75 15.10 10.33
C ALA A 760 -3.99 15.91 9.98
N THR A 761 -4.76 16.25 11.01
CA THR A 761 -6.00 16.98 10.81
C THR A 761 -5.69 18.47 10.62
N VAL A 762 -6.75 19.25 10.38
CA VAL A 762 -6.57 20.67 10.13
C VAL A 762 -5.98 21.37 11.34
N GLU A 763 -6.36 20.94 12.54
CA GLU A 763 -5.86 21.59 13.75
C GLU A 763 -4.35 21.46 13.83
N GLU A 764 -3.81 20.29 13.50
CA GLU A 764 -2.36 20.12 13.52
C GLU A 764 -1.69 21.04 12.52
N ASN A 765 -2.26 21.15 11.31
CA ASN A 765 -1.69 22.03 10.30
C ASN A 765 -1.67 23.47 10.79
N ILE A 766 -2.77 23.94 11.37
CA ILE A 766 -2.84 25.30 11.84
C ILE A 766 -1.83 25.53 12.95
N THR A 767 -1.84 24.65 13.96
CA THR A 767 -0.89 24.77 15.06
C THR A 767 0.52 24.45 14.61
N PHE A 768 0.68 23.36 13.87
CA PHE A 768 2.00 22.92 13.41
C PHE A 768 2.97 22.78 14.58
N GLY A 769 2.47 22.22 15.68
CA GLY A 769 3.27 22.05 16.87
C GLY A 769 3.19 23.20 17.86
N SER A 770 2.65 24.34 17.45
CA SER A 770 2.47 25.45 18.37
C SER A 770 1.40 25.12 19.40
N SER A 771 1.61 25.57 20.63
CA SER A 771 0.61 25.36 21.67
C SER A 771 -0.72 25.96 21.24
N PHE A 772 -1.79 25.18 21.43
CA PHE A 772 -3.10 25.61 20.95
C PHE A 772 -3.58 26.83 21.72
N ASN A 773 -4.15 27.79 20.99
CA ASN A 773 -4.76 28.98 21.58
C ASN A 773 -6.06 29.22 20.83
N ARG A 774 -7.19 28.91 21.47
CA ARG A 774 -8.48 29.04 20.80
C ARG A 774 -8.68 30.44 20.25
N GLN A 775 -8.23 31.45 21.00
CA GLN A 775 -8.39 32.83 20.55
C GLN A 775 -7.66 33.06 19.23
N ARG A 776 -6.38 32.71 19.18
CA ARG A 776 -5.61 32.92 17.96
C ARG A 776 -6.15 32.06 16.82
N TYR A 777 -6.51 30.81 17.12
CA TYR A 777 -7.03 29.94 16.07
C TYR A 777 -8.28 30.55 15.44
N LYS A 778 -9.22 30.98 16.27
CA LYS A 778 -10.44 31.59 15.76
C LYS A 778 -10.12 32.86 14.99
N ALA A 779 -9.24 33.70 15.52
CA ALA A 779 -8.92 34.96 14.86
C ALA A 779 -8.35 34.73 13.47
N VAL A 780 -7.38 33.82 13.37
CA VAL A 780 -6.75 33.57 12.07
C VAL A 780 -7.74 32.89 11.13
N THR A 781 -8.54 31.95 11.63
CA THR A 781 -9.51 31.29 10.78
C THR A 781 -10.49 32.30 10.19
N ASP A 782 -10.99 33.22 11.02
CA ASP A 782 -11.88 34.25 10.53
C ASP A 782 -11.17 35.18 9.55
N ALA A 783 -9.92 35.54 9.85
CA ALA A 783 -9.19 36.49 9.00
C ALA A 783 -9.01 35.92 7.60
N CYS A 784 -8.79 34.61 7.49
CA CYS A 784 -8.62 33.96 6.19
C CYS A 784 -9.94 33.46 5.61
N SER A 785 -11.06 33.71 6.28
CA SER A 785 -12.37 33.28 5.80
C SER A 785 -12.42 31.77 5.58
N LEU A 786 -11.72 31.03 6.45
CA LEU A 786 -11.65 29.58 6.33
C LEU A 786 -12.71 28.87 7.14
N GLN A 787 -13.46 29.59 7.97
CA GLN A 787 -14.45 28.93 8.83
C GLN A 787 -15.51 28.19 8.04
N PRO A 788 -16.11 28.76 6.98
CA PRO A 788 -17.18 28.03 6.26
C PRO A 788 -16.71 26.70 5.72
N ASP A 789 -15.66 26.74 4.89
CA ASP A 789 -15.14 25.50 4.33
C ASP A 789 -14.77 24.50 5.41
N ILE A 790 -14.26 24.99 6.55
CA ILE A 790 -13.98 24.10 7.67
C ILE A 790 -15.25 23.41 8.13
N ASP A 791 -16.33 24.18 8.30
CA ASP A 791 -17.59 23.59 8.72
C ASP A 791 -18.09 22.59 7.68
N LEU A 792 -17.79 22.81 6.41
CA LEU A 792 -18.22 21.87 5.37
C LEU A 792 -17.59 20.50 5.54
N LEU A 793 -16.47 20.40 6.25
CA LEU A 793 -15.80 19.12 6.42
C LEU A 793 -16.66 18.19 7.27
N PRO A 794 -16.49 16.87 7.12
CA PRO A 794 -17.31 15.92 7.89
C PRO A 794 -17.21 16.16 9.39
N PHE A 795 -15.99 16.17 9.93
CA PHE A 795 -15.76 16.41 11.34
C PHE A 795 -15.32 17.85 11.61
N GLY A 796 -15.43 18.74 10.63
CA GLY A 796 -14.88 20.07 10.78
C GLY A 796 -13.39 19.98 11.02
N ASP A 797 -12.92 20.54 12.12
CA ASP A 797 -11.55 20.31 12.55
C ASP A 797 -11.40 18.84 12.92
N GLN A 798 -10.17 18.46 13.28
CA GLN A 798 -9.86 17.06 13.57
C GLN A 798 -10.26 16.19 12.40
N THR A 799 -10.19 16.74 11.19
CA THR A 799 -10.51 16.04 9.96
C THR A 799 -9.24 15.86 9.16
N GLU A 800 -8.89 14.62 8.86
CA GLU A 800 -7.66 14.33 8.14
C GLU A 800 -7.70 14.97 6.76
N ILE A 801 -6.57 15.54 6.35
CA ILE A 801 -6.45 16.18 5.04
C ILE A 801 -5.14 15.77 4.40
N GLY A 802 -4.85 16.31 3.22
CA GLY A 802 -3.61 16.00 2.53
C GLY A 802 -3.77 14.92 1.49
N GLU A 803 -2.79 14.04 1.38
CA GLU A 803 -2.82 12.99 0.36
C GLU A 803 -3.80 11.88 0.73
N ARG A 804 -3.84 11.50 2.01
CA ARG A 804 -4.69 10.41 2.46
C ARG A 804 -6.04 10.87 2.99
N GLY A 805 -6.15 12.13 3.41
CA GLY A 805 -7.37 12.63 4.02
C GLY A 805 -8.32 13.23 3.01
N ILE A 806 -9.16 14.13 3.49
CA ILE A 806 -10.14 14.81 2.64
C ILE A 806 -9.39 15.69 1.65
N ASN A 807 -9.48 15.35 0.36
CA ASN A 807 -8.83 16.15 -0.66
C ASN A 807 -9.40 17.57 -0.67
N LEU A 808 -8.52 18.55 -0.83
CA LEU A 808 -8.92 19.95 -0.85
C LEU A 808 -8.36 20.61 -2.11
N SER A 809 -9.07 21.63 -2.60
CA SER A 809 -8.64 22.33 -3.79
C SER A 809 -7.44 23.22 -3.47
N GLY A 810 -6.80 23.71 -4.54
CA GLY A 810 -5.62 24.54 -4.35
C GLY A 810 -5.89 25.77 -3.50
N GLY A 811 -7.03 26.43 -3.74
CA GLY A 811 -7.36 27.61 -2.96
C GLY A 811 -7.47 27.30 -1.48
N GLN A 812 -8.19 26.24 -1.14
CA GLN A 812 -8.32 25.87 0.27
C GLN A 812 -6.97 25.47 0.86
N ARG A 813 -6.16 24.74 0.09
CA ARG A 813 -4.86 24.32 0.58
C ARG A 813 -3.99 25.53 0.92
N GLN A 814 -3.93 26.50 0.00
CA GLN A 814 -3.10 27.67 0.24
C GLN A 814 -3.68 28.55 1.35
N ARG A 815 -5.00 28.58 1.48
CA ARG A 815 -5.58 29.30 2.62
C ARG A 815 -5.18 28.65 3.94
N ILE A 816 -5.18 27.32 3.98
CA ILE A 816 -4.75 26.62 5.19
C ILE A 816 -3.27 26.92 5.47
N CYS A 817 -2.45 26.93 4.43
CA CYS A 817 -1.04 27.25 4.62
C CYS A 817 -0.86 28.65 5.15
N VAL A 818 -1.62 29.62 4.62
CA VAL A 818 -1.54 30.98 5.11
C VAL A 818 -1.98 31.05 6.56
N ALA A 819 -3.03 30.32 6.90
CA ALA A 819 -3.48 30.28 8.29
C ALA A 819 -2.36 29.76 9.19
N ARG A 820 -1.71 28.68 8.77
CA ARG A 820 -0.57 28.16 9.52
C ARG A 820 0.47 29.25 9.72
N ALA A 821 0.88 29.90 8.64
CA ALA A 821 1.93 30.89 8.73
C ALA A 821 1.56 32.01 9.68
N LEU A 822 0.32 32.51 9.56
CA LEU A 822 -0.10 33.62 10.40
C LEU A 822 -0.21 33.21 11.86
N TYR A 823 -0.67 31.99 12.13
CA TYR A 823 -0.82 31.55 13.50
C TYR A 823 0.53 31.40 14.20
N GLN A 824 1.51 30.82 13.51
CA GLN A 824 2.77 30.52 14.15
C GLN A 824 3.39 31.78 14.74
N ASN A 825 3.87 31.66 15.98
CA ASN A 825 4.41 32.80 16.72
C ASN A 825 5.86 33.03 16.31
N THR A 826 6.10 34.03 15.47
CA THR A 826 7.44 34.39 15.06
C THR A 826 7.44 35.82 14.57
N ASN A 827 8.62 36.44 14.61
CA ASN A 827 8.75 37.84 14.23
C ASN A 827 8.79 38.05 12.73
N ILE A 828 9.09 37.01 11.96
CA ILE A 828 9.27 37.13 10.51
C ILE A 828 8.26 36.22 9.82
N VAL A 829 7.57 36.75 8.81
CA VAL A 829 6.59 36.00 8.05
C VAL A 829 6.85 36.22 6.57
N PHE A 830 6.92 35.12 5.81
CA PHE A 830 7.07 35.17 4.35
C PHE A 830 5.85 34.52 3.74
N LEU A 831 5.20 35.24 2.82
CA LEU A 831 4.03 34.76 2.09
C LEU A 831 4.34 34.84 0.60
N ASP A 832 4.50 33.67 -0.02
CA ASP A 832 4.90 33.59 -1.43
C ASP A 832 3.62 33.46 -2.27
N ASP A 833 3.07 34.60 -2.66
CA ASP A 833 1.84 34.66 -3.45
C ASP A 833 0.76 33.79 -2.83
N PRO A 834 0.26 34.14 -1.66
CA PRO A 834 -0.85 33.38 -1.07
C PRO A 834 -2.12 33.45 -1.89
N PHE A 835 -2.23 34.41 -2.81
CA PHE A 835 -3.42 34.61 -3.61
C PHE A 835 -3.37 33.88 -4.95
N SER A 836 -2.66 32.75 -5.01
CA SER A 836 -2.48 32.05 -6.28
C SER A 836 -3.83 31.71 -6.90
N ALA A 837 -4.76 31.18 -6.12
CA ALA A 837 -6.08 30.78 -6.61
C ALA A 837 -7.15 31.32 -5.66
N LEU A 838 -7.05 32.60 -5.31
CA LEU A 838 -7.97 33.24 -4.40
C LEU A 838 -8.86 34.22 -5.15
N ASP A 839 -10.14 34.22 -4.83
CA ASP A 839 -11.06 35.17 -5.43
C ASP A 839 -10.80 36.57 -4.89
N ILE A 840 -11.37 37.56 -5.58
CA ILE A 840 -11.14 38.96 -5.20
C ILE A 840 -11.61 39.19 -3.77
N HIS A 841 -12.81 38.72 -3.44
CA HIS A 841 -13.37 38.97 -2.11
C HIS A 841 -12.51 38.34 -1.03
N LEU A 842 -12.16 37.06 -1.20
CA LEU A 842 -11.35 36.38 -0.19
C LEU A 842 -9.98 37.03 -0.05
N SER A 843 -9.35 37.36 -1.18
CA SER A 843 -8.03 37.99 -1.13
C SER A 843 -8.10 39.32 -0.40
N ASP A 844 -9.12 40.13 -0.71
CA ASP A 844 -9.26 41.43 -0.06
C ASP A 844 -9.50 41.27 1.43
N HIS A 845 -10.34 40.31 1.81
CA HIS A 845 -10.59 40.08 3.23
C HIS A 845 -9.32 39.66 3.95
N LEU A 846 -8.56 38.75 3.35
CA LEU A 846 -7.31 38.31 3.97
C LEU A 846 -6.35 39.47 4.11
N MET A 847 -6.23 40.31 3.07
CA MET A 847 -5.32 41.45 3.14
C MET A 847 -5.73 42.42 4.23
N GLN A 848 -6.99 42.85 4.23
CA GLN A 848 -7.43 43.88 5.17
C GLN A 848 -7.39 43.37 6.61
N GLU A 849 -8.01 42.21 6.85
CA GLU A 849 -8.09 41.70 8.22
C GLU A 849 -6.84 40.94 8.60
N GLY A 850 -6.39 40.03 7.75
CA GLY A 850 -5.27 39.18 8.09
C GLY A 850 -3.92 39.85 7.99
N ILE A 851 -3.53 40.24 6.78
CA ILE A 851 -2.15 40.68 6.53
C ILE A 851 -1.82 41.90 7.37
N LEU A 852 -2.71 42.89 7.41
CA LEU A 852 -2.40 44.17 8.03
C LEU A 852 -2.78 44.18 9.51
N LYS A 853 -4.09 44.07 9.80
CA LYS A 853 -4.55 44.29 11.16
C LYS A 853 -4.00 43.23 12.12
N PHE A 854 -4.18 41.96 11.77
CA PHE A 854 -3.76 40.89 12.67
C PHE A 854 -2.28 40.97 12.97
N LEU A 855 -1.47 41.31 11.96
CA LEU A 855 -0.04 41.46 12.16
C LEU A 855 0.36 42.87 12.55
N GLN A 856 -0.48 43.87 12.28
CA GLN A 856 -0.23 45.19 12.83
C GLN A 856 -0.26 45.15 14.36
N ASP A 857 -1.23 44.42 14.92
CA ASP A 857 -1.27 44.27 16.37
C ASP A 857 -0.01 43.58 16.89
N ASP A 858 0.44 42.53 16.20
CA ASP A 858 1.61 41.79 16.62
C ASP A 858 2.92 42.48 16.28
N LYS A 859 2.88 43.54 15.47
CA LYS A 859 4.09 44.25 15.06
C LYS A 859 5.07 43.29 14.39
N ARG A 860 4.55 42.39 13.56
CA ARG A 860 5.39 41.44 12.86
C ARG A 860 6.13 42.12 11.70
N THR A 861 7.14 41.43 11.19
CA THR A 861 7.83 41.83 9.97
C THR A 861 7.32 40.93 8.85
N VAL A 862 6.66 41.53 7.87
CA VAL A 862 5.94 40.80 6.83
C VAL A 862 6.59 41.11 5.49
N VAL A 863 7.00 40.07 4.77
CA VAL A 863 7.51 40.18 3.41
C VAL A 863 6.53 39.44 2.51
N LEU A 864 5.97 40.16 1.53
CA LEU A 864 4.91 39.63 0.68
C LEU A 864 5.39 39.59 -0.76
N VAL A 865 5.06 38.49 -1.45
CA VAL A 865 5.33 38.33 -2.87
C VAL A 865 4.01 38.08 -3.58
N THR A 866 3.67 38.94 -4.52
CA THR A 866 2.39 38.83 -5.22
C THR A 866 2.51 39.43 -6.61
N HIS A 867 2.00 38.71 -7.60
CA HIS A 867 1.88 39.27 -8.94
C HIS A 867 0.88 40.41 -8.98
N LYS A 868 -0.24 40.26 -8.28
CA LYS A 868 -1.28 41.29 -8.27
C LYS A 868 -0.72 42.58 -7.69
N LEU A 869 -0.61 43.61 -8.53
CA LEU A 869 -0.06 44.88 -8.08
C LEU A 869 -0.97 45.56 -7.07
N GLN A 870 -2.22 45.15 -6.97
CA GLN A 870 -3.13 45.74 -6.00
C GLN A 870 -2.56 45.61 -4.60
N TYR A 871 -3.10 46.40 -3.68
CA TYR A 871 -2.72 46.45 -2.28
C TYR A 871 -1.35 47.09 -2.07
N LEU A 872 -0.65 47.48 -3.15
CA LEU A 872 0.67 48.07 -2.99
C LEU A 872 0.63 49.35 -2.18
N THR A 873 -0.53 50.03 -2.16
CA THR A 873 -0.66 51.24 -1.37
C THR A 873 -0.44 50.94 0.12
N HIS A 874 -0.99 49.83 0.60
CA HIS A 874 -0.83 49.48 2.01
C HIS A 874 0.63 49.23 2.35
N ALA A 875 1.35 48.55 1.45
CA ALA A 875 2.72 48.12 1.75
C ALA A 875 3.60 49.31 2.11
N ASP A 876 4.38 49.16 3.17
CA ASP A 876 5.31 50.21 3.56
C ASP A 876 6.49 50.28 2.60
N TRP A 877 7.06 49.13 2.23
CA TRP A 877 8.22 49.06 1.37
C TRP A 877 7.95 48.09 0.23
N ILE A 878 8.51 48.41 -0.94
CA ILE A 878 8.27 47.62 -2.15
C ILE A 878 9.62 47.27 -2.77
N ILE A 879 9.64 46.15 -3.48
CA ILE A 879 10.85 45.65 -4.14
C ILE A 879 10.50 45.37 -5.59
N ALA A 880 11.32 45.89 -6.51
CA ALA A 880 11.17 45.66 -7.93
C ALA A 880 12.27 44.72 -8.41
N MET A 881 11.88 43.67 -9.12
CA MET A 881 12.81 42.65 -9.60
C MET A 881 12.65 42.47 -11.10
N LYS A 882 13.71 41.97 -11.74
CA LYS A 882 13.69 41.73 -13.18
C LYS A 882 14.85 40.82 -13.54
N ASP A 883 14.53 39.72 -14.22
CA ASP A 883 15.54 38.80 -14.74
C ASP A 883 16.53 38.38 -13.64
N GLY A 884 15.99 37.95 -12.52
CA GLY A 884 16.83 37.56 -11.39
C GLY A 884 17.69 38.70 -10.89
N SER A 885 17.15 39.92 -10.89
CA SER A 885 17.87 41.08 -10.40
C SER A 885 16.85 42.12 -9.96
N VAL A 886 17.31 43.07 -9.16
CA VAL A 886 16.46 44.07 -8.54
C VAL A 886 16.57 45.37 -9.31
N LEU A 887 15.48 45.78 -9.96
CA LEU A 887 15.46 47.08 -10.62
C LEU A 887 15.52 48.21 -9.59
N ARG A 888 14.66 48.15 -8.59
CA ARG A 888 14.55 49.21 -7.58
C ARG A 888 13.96 48.62 -6.31
N GLU A 889 14.12 49.35 -5.22
CA GLU A 889 13.51 49.01 -3.94
C GLU A 889 13.15 50.29 -3.22
N GLY A 890 12.00 50.29 -2.57
CA GLY A 890 11.53 51.47 -1.86
C GLY A 890 10.02 51.48 -1.78
N THR A 891 9.50 52.57 -1.23
CA THR A 891 8.07 52.74 -1.10
C THR A 891 7.48 53.22 -2.43
N LEU A 892 6.15 53.40 -2.46
CA LEU A 892 5.51 53.90 -3.66
C LEU A 892 6.03 55.29 -4.01
N LYS A 893 6.17 56.15 -3.01
CA LYS A 893 6.67 57.50 -3.26
C LYS A 893 8.10 57.47 -3.80
N ASP A 894 8.94 56.62 -3.21
CA ASP A 894 10.33 56.55 -3.67
C ASP A 894 10.40 56.13 -5.12
N ILE A 895 9.64 55.10 -5.49
CA ILE A 895 9.65 54.63 -6.87
C ILE A 895 9.10 55.70 -7.81
N GLN A 896 8.01 56.36 -7.39
CA GLN A 896 7.44 57.43 -8.21
C GLN A 896 8.48 58.51 -8.46
N THR A 897 9.19 58.94 -7.42
CA THR A 897 10.18 59.99 -7.58
C THR A 897 11.34 59.53 -8.47
N LYS A 898 11.87 58.34 -8.20
CA LYS A 898 13.07 57.91 -8.91
C LYS A 898 12.74 57.30 -10.27
N ASP A 899 11.70 56.48 -10.34
CA ASP A 899 11.33 55.78 -11.58
C ASP A 899 9.86 56.07 -11.87
N VAL A 900 9.60 57.16 -12.58
CA VAL A 900 8.23 57.50 -12.96
C VAL A 900 7.66 56.44 -13.90
N GLU A 901 8.46 56.00 -14.87
CA GLU A 901 7.97 55.02 -15.84
C GLU A 901 7.51 53.75 -15.16
N LEU A 902 8.32 53.21 -14.26
CA LEU A 902 7.92 52.01 -13.53
C LEU A 902 6.66 52.26 -12.72
N TYR A 903 6.59 53.42 -12.06
CA TYR A 903 5.39 53.77 -11.30
C TYR A 903 4.16 53.74 -12.20
N GLU A 904 4.22 54.44 -13.33
CA GLU A 904 3.08 54.47 -14.24
C GLU A 904 2.81 53.09 -14.83
N HIS A 905 3.87 52.36 -15.19
CA HIS A 905 3.69 51.04 -15.78
C HIS A 905 2.81 50.15 -14.91
N TRP A 906 2.93 50.28 -13.59
CA TRP A 906 2.09 49.51 -12.69
C TRP A 906 0.62 49.89 -12.86
N LYS A 907 0.33 51.19 -12.86
CA LYS A 907 -1.03 51.63 -13.13
C LYS A 907 -1.47 51.25 -14.53
N THR A 908 -0.56 51.38 -15.50
CA THR A 908 -0.89 50.99 -16.87
C THR A 908 -1.38 49.54 -16.93
N LEU A 909 -0.59 48.62 -16.35
CA LEU A 909 -1.02 47.24 -16.28
C LEU A 909 -2.22 47.07 -15.37
N MET A 910 -2.21 47.76 -14.22
CA MET A 910 -3.32 47.66 -13.29
C MET A 910 -4.61 48.18 -13.91
N ASN A 911 -4.53 49.33 -14.60
CA ASN A 911 -5.71 49.88 -15.26
C ASN A 911 -6.21 48.94 -16.35
N ARG A 912 -5.30 48.36 -17.12
CA ARG A 912 -5.65 47.39 -18.15
C ARG A 912 -5.91 46.02 -17.51
N GLN A 913 -6.90 45.99 -16.63
CA GLN A 913 -7.27 44.77 -15.91
C GLN A 913 -8.52 44.14 -16.50
N ASP A 924 -16.26 33.42 -9.11
CA ASP A 924 -17.22 32.53 -8.46
C ASP A 924 -16.61 31.17 -8.16
N GLN A 925 -15.29 31.05 -8.36
CA GLN A 925 -14.62 29.79 -8.09
C GLN A 925 -14.74 29.40 -6.63
N THR A 926 -14.56 30.37 -5.71
CA THR A 926 -14.62 30.06 -4.30
C THR A 926 -15.97 29.44 -3.93
N THR A 927 -17.06 30.08 -4.35
CA THR A 927 -18.38 29.51 -4.10
C THR A 927 -18.52 28.16 -4.78
N LEU A 928 -18.01 28.04 -6.00
CA LEU A 928 -18.08 26.76 -6.71
C LEU A 928 -17.30 25.67 -5.95
N GLU A 929 -16.12 26.02 -5.44
CA GLU A 929 -15.31 25.03 -4.75
C GLU A 929 -16.05 24.44 -3.56
N ARG A 930 -16.65 25.30 -2.73
CA ARG A 930 -17.35 24.82 -1.54
C ARG A 930 -18.50 23.89 -1.92
N LYS A 931 -19.17 24.17 -3.04
CA LYS A 931 -20.29 23.33 -3.45
C LYS A 931 -19.84 21.90 -3.69
N THR A 932 -18.71 21.72 -4.38
CA THR A 932 -18.17 20.38 -4.57
C THR A 932 -17.81 19.75 -3.22
N LEU A 933 -17.21 20.53 -2.33
CA LEU A 933 -16.85 20.01 -1.01
C LEU A 933 -18.11 19.61 -0.24
N ARG A 934 -19.16 20.43 -0.30
CA ARG A 934 -20.39 20.08 0.40
C ARG A 934 -21.06 18.86 -0.20
N ARG A 935 -20.95 18.68 -1.52
CA ARG A 935 -21.55 17.51 -2.15
C ARG A 935 -20.95 16.22 -1.60
N ALA A 936 -19.63 16.20 -1.43
CA ALA A 936 -18.98 15.01 -0.89
C ALA A 936 -19.48 14.68 0.51
N MET A 937 -19.93 15.68 1.27
CA MET A 937 -20.38 15.49 2.63
C MET A 937 -21.83 15.05 2.73
N TYR A 938 -22.56 14.99 1.61
CA TYR A 938 -23.97 14.61 1.66
C TYR A 938 -24.13 13.22 2.28
N SER A 939 -23.32 12.26 1.84
CA SER A 939 -23.46 10.90 2.35
C SER A 939 -23.22 10.85 3.86
N ARG A 940 -22.21 11.56 4.35
CA ARG A 940 -21.89 11.56 5.77
C ARG A 940 -21.22 12.88 6.17
N ARG A 968 -16.66 -11.56 20.24
CA ARG A 968 -15.93 -11.62 21.50
C ARG A 968 -14.64 -12.42 21.31
N LEU A 969 -14.77 -13.70 21.04
CA LEU A 969 -13.61 -14.58 20.87
C LEU A 969 -12.95 -14.28 19.53
N ARG A 970 -11.92 -13.44 19.57
CA ARG A 970 -11.11 -13.14 18.40
C ARG A 970 -9.93 -14.11 18.31
N THR A 971 -10.22 -15.41 18.41
CA THR A 971 -9.16 -16.41 18.52
C THR A 971 -9.35 -17.57 17.55
N LYS A 972 -10.59 -17.91 17.23
CA LYS A 972 -10.85 -19.10 16.43
C LYS A 972 -10.74 -18.79 14.94
N MET A 973 -10.05 -19.66 14.22
CA MET A 973 -9.83 -19.45 12.80
C MET A 973 -11.13 -19.69 12.03
N PRO A 974 -11.27 -19.07 10.85
CA PRO A 974 -12.51 -19.22 10.06
C PRO A 974 -12.50 -20.47 9.18
N TRP A 975 -12.73 -21.62 9.82
CA TRP A 975 -12.70 -22.89 9.10
C TRP A 975 -13.69 -22.89 7.95
N LYS A 976 -14.84 -22.24 8.14
CA LYS A 976 -15.79 -22.13 7.04
C LYS A 976 -15.16 -21.45 5.84
N THR A 977 -14.46 -20.34 6.07
CA THR A 977 -13.83 -19.61 4.98
C THR A 977 -12.73 -20.44 4.33
N CYS A 978 -11.93 -21.14 5.14
CA CYS A 978 -10.87 -21.96 4.56
C CYS A 978 -11.45 -23.08 3.70
N TRP A 979 -12.53 -23.72 4.16
CA TRP A 979 -13.18 -24.74 3.36
C TRP A 979 -13.75 -24.15 2.07
N TRP A 980 -14.34 -22.95 2.16
CA TRP A 980 -14.86 -22.31 0.97
C TRP A 980 -13.75 -22.04 -0.03
N TYR A 981 -12.60 -21.56 0.45
CA TYR A 981 -11.46 -21.34 -0.44
C TYR A 981 -11.02 -22.65 -1.09
N LEU A 982 -10.80 -23.69 -0.26
CA LEU A 982 -10.34 -24.96 -0.80
C LEU A 982 -11.30 -25.47 -1.87
N THR A 983 -12.60 -25.43 -1.59
CA THR A 983 -13.59 -25.88 -2.56
C THR A 983 -13.63 -24.99 -3.79
N SER A 984 -13.23 -23.73 -3.67
CA SER A 984 -13.28 -22.82 -4.81
C SER A 984 -12.60 -23.43 -6.04
N GLY A 985 -11.44 -24.04 -5.84
CA GLY A 985 -10.73 -24.63 -6.97
C GLY A 985 -11.54 -25.71 -7.66
N GLY A 986 -12.31 -26.47 -6.89
CA GLY A 986 -13.08 -27.57 -7.45
C GLY A 986 -12.84 -28.86 -6.69
N PHE A 987 -13.92 -29.59 -6.36
CA PHE A 987 -13.78 -30.79 -5.55
C PHE A 987 -12.79 -31.75 -6.16
N PHE A 988 -12.71 -31.81 -7.49
CA PHE A 988 -11.77 -32.71 -8.14
C PHE A 988 -10.33 -32.36 -7.75
N LEU A 989 -9.96 -31.09 -7.86
CA LEU A 989 -8.60 -30.69 -7.52
C LEU A 989 -8.30 -30.90 -6.05
N LEU A 990 -9.27 -30.58 -5.18
CA LEU A 990 -9.06 -30.77 -3.75
C LEU A 990 -8.82 -32.23 -3.43
N PHE A 991 -9.67 -33.12 -3.98
CA PHE A 991 -9.48 -34.55 -3.75
C PHE A 991 -8.14 -35.02 -4.29
N LEU A 992 -7.77 -34.55 -5.49
CA LEU A 992 -6.49 -34.95 -6.05
C LEU A 992 -5.34 -34.53 -5.15
N MET A 993 -5.38 -33.30 -4.65
CA MET A 993 -4.34 -32.82 -3.76
C MET A 993 -4.24 -33.68 -2.51
N ILE A 994 -5.38 -33.89 -1.84
CA ILE A 994 -5.36 -34.62 -0.58
C ILE A 994 -4.86 -36.05 -0.81
N PHE A 995 -5.40 -36.72 -1.82
CA PHE A 995 -5.00 -38.10 -2.08
C PHE A 995 -3.52 -38.17 -2.44
N SER A 996 -3.04 -37.25 -3.27
CA SER A 996 -1.64 -37.26 -3.67
C SER A 996 -0.73 -37.08 -2.47
N LYS A 997 -1.07 -36.14 -1.59
CA LYS A 997 -0.20 -35.89 -0.43
C LYS A 997 -0.21 -37.07 0.53
N LEU A 998 -1.39 -37.62 0.79
CA LEU A 998 -1.45 -38.80 1.66
C LEU A 998 -0.64 -39.94 1.08
N LEU A 999 -0.77 -40.18 -0.22
CA LEU A 999 -0.02 -41.26 -0.86
C LEU A 999 1.48 -41.00 -0.79
N LYS A 1000 1.89 -39.75 -1.02
CA LYS A 1000 3.31 -39.43 -0.96
C LYS A 1000 3.88 -39.71 0.42
N HIS A 1001 3.21 -39.25 1.46
CA HIS A 1001 3.73 -39.49 2.79
C HIS A 1001 3.70 -40.97 3.15
N SER A 1002 2.68 -41.69 2.68
CA SER A 1002 2.66 -43.13 2.88
C SER A 1002 3.87 -43.78 2.21
N VAL A 1003 4.20 -43.35 0.99
CA VAL A 1003 5.34 -43.94 0.29
C VAL A 1003 6.64 -43.59 1.00
N ILE A 1004 6.74 -42.39 1.56
CA ILE A 1004 7.97 -42.02 2.26
C ILE A 1004 8.15 -42.86 3.51
N VAL A 1005 7.10 -42.98 4.32
CA VAL A 1005 7.20 -43.84 5.49
C VAL A 1005 7.45 -45.27 5.08
N ALA A 1006 6.92 -45.67 3.92
CA ALA A 1006 7.20 -47.01 3.40
C ALA A 1006 8.68 -47.16 3.07
N ILE A 1007 9.29 -46.12 2.50
CA ILE A 1007 10.73 -46.17 2.23
C ILE A 1007 11.49 -46.38 3.52
N ASP A 1008 11.13 -45.62 4.55
CA ASP A 1008 11.85 -45.73 5.83
C ASP A 1008 11.66 -47.11 6.44
N TYR A 1009 10.43 -47.63 6.41
CA TYR A 1009 10.17 -48.95 6.99
C TYR A 1009 10.88 -50.05 6.19
N TRP A 1010 10.91 -49.91 4.86
CA TRP A 1010 11.62 -50.86 4.03
C TRP A 1010 13.10 -50.86 4.37
N LEU A 1011 13.67 -49.67 4.57
CA LEU A 1011 15.07 -49.59 4.98
C LEU A 1011 15.27 -50.28 6.33
N ALA A 1012 14.34 -50.08 7.26
CA ALA A 1012 14.43 -50.73 8.55
C ALA A 1012 14.46 -52.25 8.39
N THR A 1013 13.48 -52.79 7.67
CA THR A 1013 13.42 -54.24 7.49
C THR A 1013 14.68 -54.76 6.81
N TRP A 1014 15.17 -54.03 5.80
CA TRP A 1014 16.41 -54.42 5.14
C TRP A 1014 17.55 -54.48 6.14
N THR A 1015 17.64 -53.49 7.04
CA THR A 1015 18.67 -53.48 8.06
C THR A 1015 18.45 -54.54 9.12
N SER A 1016 17.25 -55.12 9.19
CA SER A 1016 16.97 -56.12 10.23
C SER A 1016 18.00 -57.25 10.19
N GLU A 1017 18.31 -57.75 9.00
CA GLU A 1017 19.19 -58.91 8.87
C GLU A 1017 20.57 -58.60 9.45
N TYR A 1018 21.14 -59.60 10.12
CA TYR A 1018 22.49 -59.48 10.69
C TYR A 1018 22.55 -58.34 11.70
N ASP A 1027 21.46 -61.95 -3.02
CA ASP A 1027 21.53 -61.72 -1.58
C ASP A 1027 20.71 -60.48 -1.21
N GLN A 1028 21.23 -59.30 -1.52
CA GLN A 1028 20.54 -58.05 -1.28
C GLN A 1028 19.76 -57.55 -2.48
N THR A 1029 19.73 -58.32 -3.58
CA THR A 1029 19.11 -57.83 -4.81
C THR A 1029 17.65 -57.47 -4.60
N PHE A 1030 16.90 -58.31 -3.90
CA PHE A 1030 15.48 -58.06 -3.70
C PHE A 1030 15.27 -56.76 -2.93
N TYR A 1031 16.00 -56.56 -1.84
CA TYR A 1031 15.82 -55.37 -1.03
C TYR A 1031 16.17 -54.12 -1.81
N VAL A 1032 17.28 -54.15 -2.55
CA VAL A 1032 17.70 -52.96 -3.29
C VAL A 1032 16.70 -52.64 -4.38
N ALA A 1033 16.19 -53.65 -5.07
CA ALA A 1033 15.18 -53.41 -6.10
C ALA A 1033 13.94 -52.79 -5.49
N GLY A 1034 13.48 -53.33 -4.36
CA GLY A 1034 12.33 -52.75 -3.70
C GLY A 1034 12.55 -51.30 -3.29
N PHE A 1035 13.72 -51.03 -2.72
CA PHE A 1035 14.02 -49.66 -2.31
C PHE A 1035 14.04 -48.73 -3.50
N SER A 1036 14.62 -49.17 -4.62
CA SER A 1036 14.69 -48.32 -5.80
C SER A 1036 13.30 -48.01 -6.34
N ILE A 1037 12.44 -49.02 -6.43
CA ILE A 1037 11.09 -48.77 -6.94
C ILE A 1037 10.33 -47.86 -5.98
N LEU A 1038 10.50 -48.05 -4.68
CA LEU A 1038 9.87 -47.17 -3.72
C LEU A 1038 10.32 -45.73 -3.90
N CYS A 1039 11.62 -45.53 -4.10
CA CYS A 1039 12.14 -44.18 -4.27
C CYS A 1039 11.62 -43.55 -5.55
N GLY A 1040 11.55 -44.31 -6.64
CA GLY A 1040 10.98 -43.78 -7.87
C GLY A 1040 9.54 -43.35 -7.69
N ALA A 1041 8.74 -44.20 -7.03
CA ALA A 1041 7.35 -43.84 -6.77
C ALA A 1041 7.28 -42.58 -5.92
N GLY A 1042 8.16 -42.47 -4.92
CA GLY A 1042 8.15 -41.29 -4.07
C GLY A 1042 8.46 -40.03 -4.84
N ILE A 1043 9.45 -40.08 -5.73
CA ILE A 1043 9.78 -38.91 -6.54
C ILE A 1043 8.58 -38.52 -7.40
N PHE A 1044 7.96 -39.50 -8.05
CA PHE A 1044 6.81 -39.20 -8.89
C PHE A 1044 5.71 -38.56 -8.08
N LEU A 1045 5.42 -39.10 -6.90
CA LEU A 1045 4.36 -38.56 -6.07
C LEU A 1045 4.68 -37.15 -5.61
N CYS A 1046 5.95 -36.89 -5.27
CA CYS A 1046 6.33 -35.54 -4.88
C CYS A 1046 6.04 -34.56 -6.00
N LEU A 1047 6.45 -34.91 -7.22
CA LEU A 1047 6.18 -34.02 -8.35
C LEU A 1047 4.69 -33.80 -8.52
N VAL A 1048 3.91 -34.89 -8.45
CA VAL A 1048 2.47 -34.78 -8.68
C VAL A 1048 1.83 -33.88 -7.63
N THR A 1049 2.18 -34.07 -6.36
CA THR A 1049 1.56 -33.29 -5.30
C THR A 1049 1.91 -31.82 -5.43
N SER A 1050 3.18 -31.51 -5.75
CA SER A 1050 3.56 -30.11 -5.92
C SER A 1050 2.75 -29.46 -7.04
N LEU A 1051 2.71 -30.13 -8.20
CA LEU A 1051 1.96 -29.57 -9.32
C LEU A 1051 0.49 -29.40 -8.95
N THR A 1052 -0.08 -30.36 -8.22
CA THR A 1052 -1.50 -30.29 -7.89
C THR A 1052 -1.79 -29.11 -6.96
N VAL A 1053 -0.96 -28.93 -5.93
CA VAL A 1053 -1.21 -27.82 -5.02
C VAL A 1053 -1.12 -26.50 -5.77
N GLU A 1054 -0.13 -26.36 -6.66
CA GLU A 1054 -0.02 -25.10 -7.38
C GLU A 1054 -1.19 -24.90 -8.34
N TRP A 1055 -1.65 -25.96 -8.99
CA TRP A 1055 -2.80 -25.84 -9.88
C TRP A 1055 -4.03 -25.39 -9.10
N MET A 1056 -4.25 -25.99 -7.94
CA MET A 1056 -5.37 -25.58 -7.10
C MET A 1056 -5.25 -24.11 -6.74
N GLY A 1057 -4.05 -23.66 -6.35
CA GLY A 1057 -3.87 -22.26 -6.00
C GLY A 1057 -4.23 -21.33 -7.13
N LEU A 1058 -3.72 -21.62 -8.33
CA LEU A 1058 -4.00 -20.76 -9.48
C LEU A 1058 -5.49 -20.71 -9.78
N THR A 1059 -6.14 -21.88 -9.81
CA THR A 1059 -7.56 -21.92 -10.12
C THR A 1059 -8.37 -21.11 -9.11
N ALA A 1060 -8.07 -21.30 -7.83
CA ALA A 1060 -8.79 -20.57 -6.80
C ALA A 1060 -8.58 -19.07 -6.96
N ALA A 1061 -7.35 -18.64 -7.20
CA ALA A 1061 -7.08 -17.22 -7.36
C ALA A 1061 -7.89 -16.65 -8.50
N LYS A 1062 -7.88 -17.32 -9.65
CA LYS A 1062 -8.59 -16.81 -10.81
C LYS A 1062 -10.08 -16.70 -10.54
N ASN A 1063 -10.67 -17.78 -10.01
CA ASN A 1063 -12.11 -17.77 -9.75
C ASN A 1063 -12.47 -16.64 -8.79
N LEU A 1064 -11.75 -16.55 -7.67
CA LEU A 1064 -12.08 -15.55 -6.67
C LEU A 1064 -11.98 -14.14 -7.23
N HIS A 1065 -10.87 -13.83 -7.92
CA HIS A 1065 -10.71 -12.48 -8.42
C HIS A 1065 -11.79 -12.13 -9.44
N HIS A 1066 -12.06 -13.06 -10.38
CA HIS A 1066 -13.07 -12.78 -11.40
C HIS A 1066 -14.44 -12.54 -10.77
N ASN A 1067 -14.84 -13.41 -9.84
CA ASN A 1067 -16.15 -13.24 -9.23
C ASN A 1067 -16.21 -11.95 -8.43
N LEU A 1068 -15.13 -11.62 -7.70
CA LEU A 1068 -15.13 -10.39 -6.93
C LEU A 1068 -15.31 -9.18 -7.82
N LEU A 1069 -14.57 -9.14 -8.93
CA LEU A 1069 -14.68 -7.99 -9.83
C LEU A 1069 -16.09 -7.89 -10.41
N ASN A 1070 -16.65 -9.02 -10.84
CA ASN A 1070 -18.01 -8.99 -11.37
C ASN A 1070 -19.00 -8.44 -10.35
N LYS A 1071 -18.95 -8.99 -9.12
CA LYS A 1071 -19.92 -8.58 -8.12
C LYS A 1071 -19.75 -7.10 -7.77
N ILE A 1072 -18.52 -6.63 -7.60
CA ILE A 1072 -18.33 -5.23 -7.23
C ILE A 1072 -18.80 -4.31 -8.33
N ILE A 1073 -18.44 -4.62 -9.58
CA ILE A 1073 -18.82 -3.71 -10.66
C ILE A 1073 -20.32 -3.70 -10.85
N LEU A 1074 -20.99 -4.83 -10.65
CA LEU A 1074 -22.44 -4.90 -10.76
C LEU A 1074 -23.17 -4.36 -9.53
N GLY A 1075 -22.46 -3.71 -8.61
CA GLY A 1075 -23.06 -3.27 -7.37
C GLY A 1075 -23.72 -1.90 -7.47
N PRO A 1076 -24.61 -1.60 -6.52
CA PRO A 1076 -25.30 -0.30 -6.54
C PRO A 1076 -24.36 0.85 -6.20
N ILE A 1077 -24.76 2.04 -6.64
CA ILE A 1077 -23.93 3.22 -6.46
C ILE A 1077 -23.68 3.50 -4.99
N ARG A 1078 -24.70 3.27 -4.14
CA ARG A 1078 -24.55 3.52 -2.72
C ARG A 1078 -23.34 2.80 -2.15
N PHE A 1079 -23.02 1.62 -2.67
CA PHE A 1079 -21.87 0.87 -2.19
C PHE A 1079 -20.61 1.73 -2.23
N PHE A 1080 -20.36 2.37 -3.38
CA PHE A 1080 -19.18 3.22 -3.52
C PHE A 1080 -19.37 4.56 -2.83
N ASP A 1081 -20.61 5.05 -2.77
CA ASP A 1081 -20.86 6.32 -2.09
C ASP A 1081 -20.46 6.26 -0.62
N THR A 1082 -20.83 5.16 0.06
CA THR A 1082 -20.54 5.03 1.48
C THR A 1082 -19.10 4.55 1.70
N THR A 1083 -18.78 3.38 1.17
CA THR A 1083 -17.47 2.79 1.43
C THR A 1083 -16.37 3.68 0.82
N PRO A 1084 -15.33 4.01 1.58
CA PRO A 1084 -14.21 4.75 0.98
C PRO A 1084 -13.58 3.95 -0.15
N LEU A 1085 -13.14 4.68 -1.19
CA LEU A 1085 -12.51 4.02 -2.33
C LEU A 1085 -11.26 3.26 -1.91
N GLY A 1086 -10.59 3.69 -0.84
CA GLY A 1086 -9.35 3.04 -0.45
C GLY A 1086 -9.54 1.58 -0.11
N LEU A 1087 -10.57 1.27 0.67
CA LEU A 1087 -10.79 -0.12 1.07
C LEU A 1087 -11.20 -0.98 -0.13
N ILE A 1088 -12.05 -0.44 -1.00
CA ILE A 1088 -12.46 -1.19 -2.18
C ILE A 1088 -11.25 -1.49 -3.05
N LEU A 1089 -10.39 -0.50 -3.24
CA LEU A 1089 -9.17 -0.73 -4.01
C LEU A 1089 -8.27 -1.76 -3.33
N ASN A 1090 -8.15 -1.68 -2.01
CA ASN A 1090 -7.32 -2.63 -1.28
C ASN A 1090 -7.86 -4.05 -1.42
N ARG A 1091 -9.17 -4.20 -1.62
CA ARG A 1091 -9.72 -5.53 -1.84
C ARG A 1091 -9.03 -6.23 -3.00
N PHE A 1092 -8.52 -5.47 -3.98
CA PHE A 1092 -7.78 -6.04 -5.09
C PHE A 1092 -6.28 -5.81 -5.00
N SER A 1093 -5.83 -4.83 -4.21
CA SER A 1093 -4.41 -4.53 -4.17
C SER A 1093 -3.64 -5.56 -3.36
N ALA A 1094 -3.98 -5.70 -2.07
CA ALA A 1094 -3.27 -6.62 -1.19
C ALA A 1094 -3.97 -7.97 -1.11
N ASP A 1095 -5.25 -7.96 -0.77
CA ASP A 1095 -5.98 -9.21 -0.57
C ASP A 1095 -5.81 -10.14 -1.77
N THR A 1096 -5.97 -9.61 -2.98
CA THR A 1096 -5.77 -10.43 -4.16
C THR A 1096 -4.33 -10.91 -4.26
N ASN A 1097 -3.37 -10.03 -3.93
CA ASN A 1097 -1.97 -10.46 -3.92
C ASN A 1097 -1.76 -11.61 -2.95
N ILE A 1098 -2.33 -11.49 -1.75
CA ILE A 1098 -2.20 -12.58 -0.77
C ILE A 1098 -2.77 -13.86 -1.34
N ILE A 1099 -3.99 -13.81 -1.85
CA ILE A 1099 -4.63 -15.02 -2.39
C ILE A 1099 -3.78 -15.63 -3.48
N ASP A 1100 -3.21 -14.79 -4.35
CA ASP A 1100 -2.42 -15.31 -5.46
C ASP A 1100 -1.15 -15.99 -4.96
N GLN A 1101 -0.39 -15.32 -4.10
CA GLN A 1101 0.99 -15.71 -3.85
C GLN A 1101 1.22 -16.40 -2.51
N HIS A 1102 0.62 -15.91 -1.41
CA HIS A 1102 0.98 -16.43 -0.11
C HIS A 1102 0.20 -17.69 0.25
N ILE A 1103 -1.08 -17.75 -0.10
CA ILE A 1103 -1.92 -18.84 0.37
C ILE A 1103 -1.44 -20.20 -0.12
N PRO A 1104 -1.09 -20.38 -1.39
CA PRO A 1104 -0.73 -21.73 -1.85
C PRO A 1104 0.54 -22.24 -1.18
N PRO A 1105 1.62 -21.46 -1.17
CA PRO A 1105 2.83 -21.96 -0.48
C PRO A 1105 2.60 -22.24 0.99
N THR A 1106 1.94 -21.32 1.70
CA THR A 1106 1.70 -21.52 3.12
C THR A 1106 0.84 -22.75 3.36
N LEU A 1107 -0.20 -22.94 2.54
CA LEU A 1107 -1.06 -24.10 2.71
C LEU A 1107 -0.29 -25.39 2.43
N GLU A 1108 0.54 -25.39 1.40
CA GLU A 1108 1.34 -26.58 1.12
C GLU A 1108 2.27 -26.88 2.29
N SER A 1109 2.92 -25.86 2.83
CA SER A 1109 3.82 -26.08 3.95
C SER A 1109 3.07 -26.60 5.16
N LEU A 1110 1.90 -26.02 5.45
CA LEU A 1110 1.12 -26.47 6.59
C LEU A 1110 0.71 -27.93 6.44
N THR A 1111 0.20 -28.30 5.26
CA THR A 1111 -0.23 -29.68 5.06
C THR A 1111 0.94 -30.64 5.15
N ARG A 1112 2.07 -30.29 4.53
CA ARG A 1112 3.23 -31.17 4.59
C ARG A 1112 3.71 -31.35 6.02
N SER A 1113 3.78 -30.26 6.78
CA SER A 1113 4.23 -30.36 8.17
C SER A 1113 3.26 -31.19 8.99
N THR A 1114 1.96 -30.98 8.83
CA THR A 1114 0.98 -31.74 9.58
C THR A 1114 1.10 -33.23 9.27
N LEU A 1115 1.22 -33.57 7.97
CA LEU A 1115 1.33 -34.97 7.60
C LEU A 1115 2.61 -35.57 8.16
N LEU A 1116 3.72 -34.85 8.09
CA LEU A 1116 4.97 -35.39 8.61
C LEU A 1116 4.88 -35.62 10.11
N CYS A 1117 4.30 -34.66 10.84
CA CYS A 1117 4.18 -34.83 12.30
C CYS A 1117 3.28 -36.02 12.63
N LEU A 1118 2.13 -36.13 11.96
CA LEU A 1118 1.22 -37.23 12.24
C LEU A 1118 1.86 -38.57 11.89
N SER A 1119 2.53 -38.64 10.75
CA SER A 1119 3.18 -39.89 10.37
C SER A 1119 4.27 -40.27 11.36
N ALA A 1120 5.06 -39.29 11.81
CA ALA A 1120 6.10 -39.59 12.79
C ALA A 1120 5.50 -40.12 14.08
N ILE A 1121 4.44 -39.47 14.57
CA ILE A 1121 3.79 -39.93 15.80
C ILE A 1121 3.28 -41.35 15.61
N GLY A 1122 2.57 -41.58 14.51
CA GLY A 1122 2.03 -42.90 14.26
C GLY A 1122 3.12 -43.96 14.19
N MET A 1123 4.24 -43.64 13.53
CA MET A 1123 5.28 -44.63 13.36
C MET A 1123 5.98 -44.93 14.68
N ILE A 1124 6.25 -43.91 15.49
CA ILE A 1124 6.90 -44.18 16.77
C ILE A 1124 5.96 -44.97 17.67
N SER A 1125 4.66 -44.70 17.59
CA SER A 1125 3.71 -45.53 18.34
C SER A 1125 3.73 -46.96 17.83
N TYR A 1126 3.79 -47.14 16.50
CA TYR A 1126 3.84 -48.47 15.92
C TYR A 1126 5.05 -49.24 16.44
N ALA A 1127 6.21 -48.58 16.49
CA ALA A 1127 7.39 -49.21 17.06
C ALA A 1127 7.33 -49.24 18.59
N THR A 1128 6.69 -48.25 19.20
CA THR A 1128 6.61 -48.13 20.65
C THR A 1128 5.16 -47.90 21.04
N PRO A 1129 4.37 -48.97 21.20
CA PRO A 1129 2.95 -48.77 21.50
C PRO A 1129 2.69 -48.03 22.81
N VAL A 1130 3.63 -48.09 23.77
CA VAL A 1130 3.43 -47.42 25.04
C VAL A 1130 3.68 -45.93 24.99
N PHE A 1131 4.04 -45.40 23.81
CA PHE A 1131 4.39 -43.98 23.72
C PHE A 1131 3.17 -43.08 23.90
N LEU A 1132 1.97 -43.55 23.52
CA LEU A 1132 0.81 -42.68 23.52
C LEU A 1132 0.51 -42.12 24.90
N ILE A 1133 0.78 -42.88 25.95
CA ILE A 1133 0.51 -42.41 27.30
C ILE A 1133 1.27 -41.13 27.57
N ALA A 1134 2.58 -41.13 27.29
CA ALA A 1134 3.37 -39.90 27.46
C ALA A 1134 2.98 -38.86 26.43
N LEU A 1135 2.54 -39.28 25.25
CA LEU A 1135 2.18 -38.32 24.21
C LEU A 1135 1.02 -37.44 24.64
N ALA A 1136 0.00 -38.03 25.25
CA ALA A 1136 -1.24 -37.29 25.52
C ALA A 1136 -1.00 -35.99 26.29
N PRO A 1137 -0.29 -35.97 27.41
CA PRO A 1137 0.00 -34.67 28.04
C PRO A 1137 0.75 -33.72 27.11
N LEU A 1138 1.67 -34.26 26.31
CA LEU A 1138 2.37 -33.41 25.35
C LEU A 1138 1.40 -32.85 24.32
N GLY A 1139 0.43 -33.66 23.89
CA GLY A 1139 -0.59 -33.15 23.01
C GLY A 1139 -1.38 -32.01 23.64
N VAL A 1140 -1.71 -32.14 24.92
CA VAL A 1140 -2.42 -31.07 25.61
C VAL A 1140 -1.59 -29.80 25.62
N ALA A 1141 -0.31 -29.93 25.97
CA ALA A 1141 0.57 -28.76 25.98
C ALA A 1141 0.65 -28.15 24.59
N PHE A 1142 0.72 -28.99 23.56
CA PHE A 1142 0.78 -28.49 22.19
C PHE A 1142 -0.47 -27.70 21.84
N TYR A 1143 -1.64 -28.21 22.23
CA TYR A 1143 -2.87 -27.48 21.94
C TYR A 1143 -2.86 -26.12 22.62
N PHE A 1144 -2.46 -26.07 23.90
CA PHE A 1144 -2.46 -24.80 24.60
C PHE A 1144 -1.47 -23.81 23.96
N ILE A 1145 -0.29 -24.29 23.61
CA ILE A 1145 0.69 -23.45 22.95
C ILE A 1145 0.15 -22.92 21.63
N GLN A 1146 -0.48 -23.81 20.85
CA GLN A 1146 -1.08 -23.39 19.60
C GLN A 1146 -2.04 -22.24 19.83
N LYS A 1147 -2.97 -22.40 20.75
CA LYS A 1147 -3.97 -21.36 20.98
C LYS A 1147 -3.31 -20.04 21.35
N TYR A 1148 -2.48 -20.07 22.38
CA TYR A 1148 -1.89 -18.82 22.89
C TYR A 1148 -1.07 -18.13 21.81
N PHE A 1149 -0.19 -18.87 21.15
CA PHE A 1149 0.67 -18.24 20.16
C PHE A 1149 -0.15 -17.71 19.00
N ARG A 1150 -1.17 -18.43 18.55
CA ARG A 1150 -1.95 -17.95 17.43
C ARG A 1150 -2.58 -16.61 17.75
N VAL A 1151 -3.23 -16.50 18.90
CA VAL A 1151 -3.88 -15.23 19.23
C VAL A 1151 -2.83 -14.13 19.36
N ALA A 1152 -1.73 -14.41 20.07
CA ALA A 1152 -0.73 -13.38 20.31
C ALA A 1152 -0.09 -12.92 19.02
N SER A 1153 0.28 -13.85 18.15
CA SER A 1153 0.92 -13.49 16.89
C SER A 1153 -0.02 -12.70 16.01
N LYS A 1154 -1.29 -13.09 15.94
CA LYS A 1154 -2.25 -12.30 15.16
C LYS A 1154 -2.26 -10.85 15.64
N ASP A 1155 -2.44 -10.66 16.96
CA ASP A 1155 -2.51 -9.29 17.48
C ASP A 1155 -1.22 -8.53 17.20
N LEU A 1156 -0.08 -9.17 17.43
CA LEU A 1156 1.19 -8.48 17.27
C LEU A 1156 1.42 -8.09 15.82
N GLN A 1157 1.10 -8.97 14.87
CA GLN A 1157 1.31 -8.63 13.46
C GLN A 1157 0.43 -7.47 13.05
N GLU A 1158 -0.85 -7.50 13.46
CA GLU A 1158 -1.73 -6.39 13.09
C GLU A 1158 -1.22 -5.08 13.67
N LEU A 1159 -0.80 -5.11 14.94
CA LEU A 1159 -0.26 -3.91 15.56
C LEU A 1159 0.99 -3.43 14.84
N ASP A 1160 1.85 -4.37 14.41
CA ASP A 1160 3.06 -4.00 13.71
C ASP A 1160 2.74 -3.26 12.41
N ASP A 1161 1.80 -3.78 11.64
CA ASP A 1161 1.45 -3.10 10.39
C ASP A 1161 0.87 -1.71 10.67
N SER A 1162 -0.03 -1.62 11.66
CA SER A 1162 -0.62 -0.33 11.98
C SER A 1162 0.44 0.68 12.40
N THR A 1163 1.47 0.23 13.10
CA THR A 1163 2.55 1.12 13.50
C THR A 1163 3.48 1.46 12.34
N GLN A 1164 3.68 0.52 11.41
CA GLN A 1164 4.58 0.77 10.30
C GLN A 1164 4.03 1.86 9.38
N LEU A 1165 2.74 1.78 9.03
CA LEU A 1165 2.22 2.68 8.01
C LEU A 1165 2.51 4.15 8.31
N PRO A 1166 2.29 4.66 9.53
CA PRO A 1166 2.62 6.06 9.79
C PRO A 1166 4.07 6.41 9.55
N LEU A 1167 5.00 5.47 9.72
CA LEU A 1167 6.41 5.77 9.50
C LEU A 1167 6.67 6.11 8.04
N LEU A 1168 6.17 5.28 7.13
CA LEU A 1168 6.29 5.59 5.70
C LEU A 1168 5.59 6.90 5.37
N CYS A 1169 4.40 7.10 5.93
CA CYS A 1169 3.69 8.35 5.68
C CYS A 1169 4.54 9.54 6.08
N HIS A 1170 5.17 9.47 7.25
CA HIS A 1170 5.96 10.59 7.75
C HIS A 1170 7.20 10.82 6.90
N PHE A 1171 7.89 9.76 6.51
CA PHE A 1171 9.05 9.94 5.65
C PHE A 1171 8.65 10.57 4.33
N SER A 1172 7.55 10.12 3.74
CA SER A 1172 7.10 10.71 2.49
C SER A 1172 6.77 12.19 2.67
N GLU A 1173 6.08 12.53 3.76
CA GLU A 1173 5.70 13.92 3.96
C GLU A 1173 6.92 14.81 4.17
N THR A 1174 7.81 14.41 5.09
CA THR A 1174 8.96 15.25 5.37
C THR A 1174 9.87 15.35 4.17
N ALA A 1175 9.91 14.32 3.32
CA ALA A 1175 10.67 14.42 2.08
C ALA A 1175 10.24 15.65 1.31
N GLU A 1176 8.95 15.90 1.23
CA GLU A 1176 8.42 17.14 0.67
C GLU A 1176 8.40 18.22 1.73
N GLY A 1177 8.23 19.46 1.29
CA GLY A 1177 8.12 20.56 2.22
C GLY A 1177 9.36 20.78 3.05
N LEU A 1178 10.50 20.20 2.64
CA LEU A 1178 11.74 20.47 3.36
C LEU A 1178 11.99 21.95 3.49
N THR A 1179 11.71 22.71 2.43
CA THR A 1179 11.86 24.15 2.51
C THR A 1179 10.99 24.73 3.63
N THR A 1180 9.75 24.27 3.74
CA THR A 1180 8.85 24.79 4.76
C THR A 1180 9.40 24.49 6.15
N ILE A 1181 9.79 23.25 6.39
CA ILE A 1181 10.29 22.88 7.72
C ILE A 1181 11.52 23.68 8.07
N ARG A 1182 12.49 23.74 7.15
CA ARG A 1182 13.70 24.50 7.43
C ARG A 1182 13.41 25.98 7.62
N ALA A 1183 12.33 26.49 7.00
CA ALA A 1183 11.93 27.86 7.24
C ALA A 1183 11.41 28.03 8.66
N PHE A 1184 10.51 27.15 9.09
CA PHE A 1184 10.07 27.16 10.47
C PHE A 1184 11.18 26.76 11.43
N ARG A 1185 12.23 26.12 10.93
CA ARG A 1185 13.29 25.58 11.78
C ARG A 1185 12.73 24.62 12.82
N HIS A 1186 11.71 23.86 12.40
CA HIS A 1186 11.15 22.80 13.23
C HIS A 1186 11.91 21.48 13.10
N GLU A 1187 13.16 21.54 12.62
CA GLU A 1187 13.90 20.31 12.37
C GLU A 1187 13.89 19.38 13.58
N THR A 1188 14.13 19.94 14.76
CA THR A 1188 14.18 19.12 15.96
C THR A 1188 12.84 18.44 16.20
N ARG A 1189 11.74 19.16 16.03
CA ARG A 1189 10.43 18.58 16.27
C ARG A 1189 10.20 17.36 15.38
N PHE A 1190 10.44 17.53 14.08
CA PHE A 1190 10.23 16.43 13.15
C PHE A 1190 11.17 15.28 13.43
N LYS A 1191 12.43 15.58 13.78
CA LYS A 1191 13.37 14.52 14.10
C LYS A 1191 12.89 13.71 15.29
N GLN A 1192 12.39 14.38 16.33
CA GLN A 1192 11.86 13.67 17.48
C GLN A 1192 10.65 12.84 17.08
N ARG A 1193 9.79 13.38 16.23
CA ARG A 1193 8.63 12.63 15.77
C ARG A 1193 9.08 11.34 15.08
N MET A 1194 10.09 11.44 14.21
CA MET A 1194 10.58 10.27 13.51
C MET A 1194 11.17 9.27 14.49
N LEU A 1195 11.93 9.74 15.48
CA LEU A 1195 12.49 8.82 16.46
C LEU A 1195 11.39 8.07 17.19
N GLU A 1196 10.33 8.78 17.58
CA GLU A 1196 9.21 8.13 18.26
C GLU A 1196 8.58 7.07 17.37
N LEU A 1197 8.29 7.42 16.12
CA LEU A 1197 7.63 6.48 15.23
C LEU A 1197 8.49 5.24 15.01
N THR A 1198 9.79 5.44 14.76
CA THR A 1198 10.66 4.31 14.48
C THR A 1198 10.85 3.45 15.72
N ASP A 1199 10.91 4.06 16.90
CA ASP A 1199 10.98 3.27 18.13
C ASP A 1199 9.74 2.40 18.27
N THR A 1200 8.56 2.97 18.01
CA THR A 1200 7.33 2.18 18.14
C THR A 1200 7.34 1.02 17.16
N ASN A 1201 7.68 1.29 15.90
CA ASN A 1201 7.69 0.21 14.91
C ASN A 1201 8.70 -0.87 15.29
N ASN A 1202 9.89 -0.45 15.73
CA ASN A 1202 10.92 -1.41 16.08
C ASN A 1202 10.47 -2.27 17.26
N ILE A 1203 9.86 -1.67 18.27
CA ILE A 1203 9.43 -2.47 19.42
C ILE A 1203 8.35 -3.46 19.00
N ALA A 1204 7.42 -3.03 18.14
CA ALA A 1204 6.41 -3.97 17.66
C ALA A 1204 7.06 -5.15 16.95
N TYR A 1205 7.97 -4.88 16.02
CA TYR A 1205 8.60 -5.96 15.27
C TYR A 1205 9.41 -6.87 16.19
N LEU A 1206 10.15 -6.26 17.13
CA LEU A 1206 10.97 -7.04 18.03
C LEU A 1206 10.13 -7.96 18.89
N PHE A 1207 8.98 -7.47 19.37
CA PHE A 1207 8.14 -8.34 20.19
C PHE A 1207 7.48 -9.43 19.37
N LEU A 1208 7.15 -9.15 18.10
CA LEU A 1208 6.66 -10.23 17.25
C LEU A 1208 7.72 -11.32 17.11
N SER A 1209 8.96 -10.93 16.84
CA SER A 1209 10.03 -11.91 16.71
C SER A 1209 10.25 -12.66 18.02
N ALA A 1210 10.17 -11.95 19.15
CA ALA A 1210 10.36 -12.59 20.44
C ALA A 1210 9.26 -13.61 20.70
N ALA A 1211 8.02 -13.30 20.32
CA ALA A 1211 6.95 -14.28 20.46
C ALA A 1211 7.23 -15.51 19.62
N ASN A 1212 7.73 -15.31 18.39
CA ASN A 1212 8.14 -16.44 17.58
C ASN A 1212 9.19 -17.28 18.31
N ARG A 1213 10.18 -16.62 18.90
CA ARG A 1213 11.21 -17.35 19.63
C ARG A 1213 10.63 -18.13 20.81
N TRP A 1214 9.71 -17.50 21.54
CA TRP A 1214 9.10 -18.18 22.68
C TRP A 1214 8.36 -19.43 22.24
N LEU A 1215 7.59 -19.32 21.15
CA LEU A 1215 6.92 -20.50 20.63
C LEU A 1215 7.93 -21.57 20.24
N GLU A 1216 9.02 -21.18 19.58
CA GLU A 1216 10.01 -22.16 19.17
C GLU A 1216 10.58 -22.89 20.39
N VAL A 1217 10.91 -22.14 21.44
CA VAL A 1217 11.51 -22.75 22.62
C VAL A 1217 10.53 -23.70 23.29
N ARG A 1218 9.26 -23.30 23.41
CA ARG A 1218 8.28 -24.16 24.04
C ARG A 1218 8.09 -25.44 23.24
N THR A 1219 7.86 -25.31 21.94
CA THR A 1219 7.67 -26.50 21.11
C THR A 1219 8.93 -27.35 21.10
N ASP A 1220 10.09 -26.74 21.28
CA ASP A 1220 11.33 -27.51 21.26
C ASP A 1220 11.53 -28.29 22.55
N TYR A 1221 11.18 -27.71 23.69
CA TYR A 1221 11.16 -28.50 24.92
C TYR A 1221 10.15 -29.64 24.79
N LEU A 1222 9.02 -29.37 24.16
CA LEU A 1222 8.05 -30.43 23.90
C LEU A 1222 8.67 -31.55 23.07
N GLY A 1223 9.38 -31.18 22.01
CA GLY A 1223 10.03 -32.17 21.17
C GLY A 1223 11.11 -32.93 21.90
N ALA A 1224 11.83 -32.25 22.79
CA ALA A 1224 12.85 -32.92 23.59
C ALA A 1224 12.23 -33.95 24.51
N CYS A 1225 11.11 -33.61 25.14
CA CYS A 1225 10.40 -34.59 25.95
C CYS A 1225 9.95 -35.77 25.09
N ILE A 1226 9.45 -35.48 23.90
CA ILE A 1226 9.03 -36.56 22.99
C ILE A 1226 10.20 -37.48 22.69
N VAL A 1227 11.35 -36.91 22.35
CA VAL A 1227 12.51 -37.71 21.98
C VAL A 1227 12.97 -38.54 23.16
N LEU A 1228 13.03 -37.95 24.35
CA LEU A 1228 13.45 -38.69 25.53
C LEU A 1228 12.53 -39.87 25.79
N THR A 1229 11.22 -39.61 25.77
CA THR A 1229 10.26 -40.69 26.02
C THR A 1229 10.38 -41.78 24.98
N ALA A 1230 10.47 -41.40 23.71
CA ALA A 1230 10.56 -42.39 22.65
C ALA A 1230 11.80 -43.24 22.81
N SER A 1231 12.95 -42.61 23.04
CA SER A 1231 14.20 -43.35 23.18
C SER A 1231 14.14 -44.31 24.36
N ILE A 1232 13.70 -43.81 25.52
CA ILE A 1232 13.71 -44.64 26.72
C ILE A 1232 12.73 -45.81 26.55
N ALA A 1233 11.54 -45.53 26.03
CA ALA A 1233 10.56 -46.61 25.84
C ALA A 1233 11.08 -47.64 24.84
N SER A 1234 11.69 -47.18 23.76
CA SER A 1234 12.20 -48.11 22.75
C SER A 1234 13.28 -49.02 23.34
N ILE A 1235 14.28 -48.42 23.98
CA ILE A 1235 15.36 -49.23 24.54
C ILE A 1235 14.82 -50.19 25.59
N SER A 1236 13.96 -49.70 26.48
CA SER A 1236 13.34 -50.58 27.46
C SER A 1236 12.48 -51.63 26.77
N GLY A 1237 11.66 -51.19 25.81
CA GLY A 1237 10.81 -52.13 25.11
C GLY A 1237 11.61 -53.11 24.28
N SER A 1238 11.08 -54.33 24.15
CA SER A 1238 11.70 -55.37 23.36
C SER A 1238 11.13 -55.30 21.94
N SER A 1239 11.99 -54.98 20.98
CA SER A 1239 11.57 -54.86 19.59
C SER A 1239 12.78 -54.99 18.70
N ASN A 1240 12.53 -55.21 17.41
CA ASN A 1240 13.61 -55.35 16.45
C ASN A 1240 14.40 -54.06 16.34
N SER A 1241 15.70 -54.19 16.07
CA SER A 1241 16.58 -53.03 16.06
C SER A 1241 16.13 -52.02 15.01
N GLY A 1242 15.73 -52.48 13.83
CA GLY A 1242 15.31 -51.56 12.80
C GLY A 1242 14.18 -50.66 13.24
N LEU A 1243 13.19 -51.23 13.93
CA LEU A 1243 12.08 -50.42 14.43
C LEU A 1243 12.57 -49.42 15.46
N VAL A 1244 13.54 -49.80 16.29
CA VAL A 1244 14.10 -48.85 17.25
C VAL A 1244 14.73 -47.69 16.53
N GLY A 1245 15.51 -47.99 15.49
CA GLY A 1245 16.12 -46.91 14.71
C GLY A 1245 15.10 -46.01 14.06
N LEU A 1246 14.04 -46.61 13.51
CA LEU A 1246 12.99 -45.82 12.89
C LEU A 1246 12.33 -44.89 13.90
N GLY A 1247 12.02 -45.43 15.08
CA GLY A 1247 11.40 -44.62 16.10
C GLY A 1247 12.29 -43.47 16.53
N LEU A 1248 13.57 -43.75 16.77
CA LEU A 1248 14.48 -42.69 17.17
C LEU A 1248 14.61 -41.63 16.09
N LEU A 1249 14.72 -42.05 14.83
CA LEU A 1249 14.86 -41.10 13.74
C LEU A 1249 13.63 -40.20 13.66
N TYR A 1250 12.44 -40.79 13.66
CA TYR A 1250 11.24 -39.98 13.51
C TYR A 1250 11.04 -39.08 14.73
N ALA A 1251 11.34 -39.57 15.93
CA ALA A 1251 11.22 -38.73 17.11
C ALA A 1251 12.17 -37.55 17.03
N LEU A 1252 13.41 -37.77 16.59
CA LEU A 1252 14.34 -36.66 16.44
C LEU A 1252 13.83 -35.65 15.42
N THR A 1253 13.35 -36.14 14.27
CA THR A 1253 12.90 -35.24 13.22
C THR A 1253 11.70 -34.41 13.67
N ILE A 1254 10.74 -35.03 14.36
CA ILE A 1254 9.46 -34.39 14.64
C ILE A 1254 9.66 -33.00 15.24
N THR A 1255 10.78 -32.77 15.91
CA THR A 1255 11.00 -31.49 16.57
C THR A 1255 11.18 -30.36 15.56
N ASN A 1256 11.71 -30.65 14.38
CA ASN A 1256 11.86 -29.62 13.36
C ASN A 1256 10.51 -29.11 12.89
N TYR A 1257 9.53 -29.99 12.75
CA TYR A 1257 8.23 -29.62 12.18
C TYR A 1257 7.19 -29.27 13.24
N LEU A 1258 7.43 -29.63 14.50
CA LEU A 1258 6.40 -29.44 15.51
C LEU A 1258 6.09 -27.97 15.71
N ASN A 1259 7.03 -27.08 15.40
CA ASN A 1259 6.75 -25.65 15.48
C ASN A 1259 6.36 -25.06 14.13
N TRP A 1260 6.85 -25.64 13.04
CA TRP A 1260 6.44 -25.15 11.73
C TRP A 1260 4.96 -25.38 11.49
N VAL A 1261 4.42 -26.48 12.01
CA VAL A 1261 2.98 -26.71 11.86
C VAL A 1261 2.21 -25.54 12.45
N VAL A 1262 2.55 -25.15 13.69
CA VAL A 1262 1.78 -24.11 14.36
C VAL A 1262 2.03 -22.75 13.71
N ARG A 1263 3.27 -22.47 13.32
CA ARG A 1263 3.53 -21.17 12.70
C ARG A 1263 2.81 -21.03 11.37
N ASN A 1264 2.87 -22.07 10.53
CA ASN A 1264 2.14 -22.02 9.27
C ASN A 1264 0.64 -21.97 9.51
N LEU A 1265 0.15 -22.63 10.56
CA LEU A 1265 -1.27 -22.53 10.89
C LEU A 1265 -1.65 -21.10 11.21
N ALA A 1266 -0.82 -20.41 12.00
CA ALA A 1266 -1.11 -19.02 12.33
C ALA A 1266 -1.10 -18.14 11.08
N ASP A 1267 -0.10 -18.33 10.22
CA ASP A 1267 -0.03 -17.53 9.01
C ASP A 1267 -1.23 -17.80 8.10
N LEU A 1268 -1.62 -19.06 7.98
CA LEU A 1268 -2.80 -19.39 7.19
C LEU A 1268 -4.05 -18.78 7.79
N GLU A 1269 -4.13 -18.69 9.12
CA GLU A 1269 -5.26 -18.00 9.73
C GLU A 1269 -5.27 -16.53 9.33
N VAL A 1270 -4.11 -15.88 9.39
CA VAL A 1270 -4.03 -14.47 9.01
C VAL A 1270 -4.48 -14.28 7.57
N GLN A 1271 -4.07 -15.19 6.69
CA GLN A 1271 -4.40 -15.06 5.27
C GLN A 1271 -5.87 -15.39 5.00
N MET A 1272 -6.40 -16.41 5.69
CA MET A 1272 -7.84 -16.67 5.61
C MET A 1272 -8.64 -15.49 6.09
N GLY A 1273 -8.06 -14.63 6.93
CA GLY A 1273 -8.73 -13.38 7.24
C GLY A 1273 -8.99 -12.56 5.98
N ALA A 1274 -7.96 -12.41 5.14
CA ALA A 1274 -8.14 -11.69 3.88
C ALA A 1274 -9.09 -12.42 2.95
N VAL A 1275 -9.03 -13.74 2.93
CA VAL A 1275 -9.96 -14.50 2.09
C VAL A 1275 -11.39 -14.24 2.52
N LYS A 1276 -11.64 -14.22 3.83
CA LYS A 1276 -12.97 -13.89 4.33
C LYS A 1276 -13.36 -12.48 3.94
N LYS A 1277 -12.42 -11.54 4.03
CA LYS A 1277 -12.71 -10.18 3.59
C LYS A 1277 -13.24 -10.18 2.16
N VAL A 1278 -12.50 -10.83 1.26
CA VAL A 1278 -12.88 -10.84 -0.15
C VAL A 1278 -14.23 -11.51 -0.34
N ASN A 1279 -14.40 -12.69 0.26
CA ASN A 1279 -15.63 -13.45 0.06
C ASN A 1279 -16.84 -12.68 0.55
N SER A 1280 -16.73 -12.07 1.73
CA SER A 1280 -17.84 -11.25 2.22
C SER A 1280 -18.07 -10.06 1.32
N PHE A 1281 -16.99 -9.45 0.81
CA PHE A 1281 -17.15 -8.26 -0.03
C PHE A 1281 -17.87 -8.58 -1.32
N LEU A 1282 -17.67 -9.76 -1.88
CA LEU A 1282 -18.27 -10.10 -3.16
C LEU A 1282 -19.71 -10.60 -3.03
N THR A 1283 -20.24 -10.72 -1.81
CA THR A 1283 -21.59 -11.21 -1.59
C THR A 1283 -22.60 -10.08 -1.52
N MET A 1284 -22.19 -8.84 -1.73
CA MET A 1284 -23.12 -7.72 -1.68
C MET A 1284 -24.18 -7.86 -2.77
N GLU A 1285 -25.41 -7.48 -2.43
CA GLU A 1285 -26.51 -7.56 -3.37
C GLU A 1285 -26.32 -6.59 -4.53
N SER A 1286 -26.80 -7.01 -5.70
CA SER A 1286 -26.71 -6.21 -6.91
C SER A 1286 -28.02 -5.48 -7.16
N GLU A 1287 -28.11 -4.83 -8.32
CA GLU A 1287 -29.30 -4.07 -8.67
C GLU A 1287 -30.25 -4.91 -9.50
N ASN A 1288 -31.49 -4.45 -9.59
CA ASN A 1288 -32.52 -5.12 -10.37
C ASN A 1288 -32.31 -4.89 -11.85
N TYR A 1289 -31.31 -5.55 -12.43
CA TYR A 1289 -31.04 -5.37 -13.85
C TYR A 1289 -32.14 -5.97 -14.71
N GLU A 1290 -32.88 -6.95 -14.18
CA GLU A 1290 -33.95 -7.56 -14.94
C GLU A 1290 -35.02 -6.54 -15.29
N GLY A 1291 -35.54 -6.60 -16.51
CA GLY A 1291 -36.61 -5.74 -16.97
C GLY A 1291 -37.88 -6.55 -17.14
N THR A 1292 -38.98 -6.04 -16.56
CA THR A 1292 -40.25 -6.76 -16.60
C THR A 1292 -40.72 -6.94 -18.04
N MET A 1293 -40.66 -5.88 -18.84
CA MET A 1293 -41.10 -5.97 -20.23
C MET A 1293 -40.04 -6.65 -21.08
N ASP A 1294 -40.50 -7.29 -22.15
CA ASP A 1294 -39.57 -7.96 -23.06
C ASP A 1294 -38.78 -6.90 -23.84
N PRO A 1295 -37.49 -7.14 -24.11
CA PRO A 1295 -36.75 -6.16 -24.92
C PRO A 1295 -37.39 -5.90 -26.27
N SER A 1296 -37.93 -6.95 -26.91
CA SER A 1296 -38.58 -6.77 -28.20
C SER A 1296 -39.81 -5.88 -28.08
N GLN A 1297 -40.58 -6.06 -27.02
CA GLN A 1297 -41.79 -5.26 -26.85
C GLN A 1297 -41.47 -3.77 -26.83
N VAL A 1298 -40.39 -3.38 -26.16
CA VAL A 1298 -39.94 -1.99 -26.17
C VAL A 1298 -39.29 -1.71 -27.52
N PRO A 1299 -39.71 -0.68 -28.25
CA PRO A 1299 -39.12 -0.44 -29.57
C PRO A 1299 -37.62 -0.23 -29.47
N GLU A 1300 -36.90 -0.76 -30.47
CA GLU A 1300 -35.45 -0.57 -30.52
C GLU A 1300 -35.11 0.91 -30.45
N HIS A 1301 -35.74 1.71 -31.32
CA HIS A 1301 -35.61 3.16 -31.26
C HIS A 1301 -36.64 3.76 -30.32
N TRP A 1302 -36.66 3.23 -29.09
CA TRP A 1302 -37.65 3.68 -28.11
C TRP A 1302 -37.55 5.15 -27.77
N PRO A 1303 -36.38 5.72 -27.51
CA PRO A 1303 -36.30 7.13 -27.07
C PRO A 1303 -36.26 8.15 -28.19
N GLN A 1304 -36.55 7.76 -29.43
CA GLN A 1304 -36.47 8.70 -30.54
C GLN A 1304 -37.44 9.87 -30.36
N GLU A 1305 -38.68 9.56 -29.95
CA GLU A 1305 -39.71 10.59 -29.92
C GLU A 1305 -39.33 11.74 -28.98
N GLY A 1306 -38.81 11.42 -27.80
CA GLY A 1306 -38.39 12.44 -26.86
C GLY A 1306 -39.49 12.95 -25.95
N GLU A 1307 -40.57 12.21 -25.78
CA GLU A 1307 -41.63 12.61 -24.85
C GLU A 1307 -41.31 12.10 -23.46
N ILE A 1308 -41.46 12.97 -22.46
CA ILE A 1308 -41.16 12.65 -21.07
C ILE A 1308 -42.27 13.17 -20.18
N LYS A 1309 -42.68 12.35 -19.21
CA LYS A 1309 -43.68 12.74 -18.23
C LYS A 1309 -43.22 12.32 -16.84
N ILE A 1310 -43.56 13.11 -15.83
CA ILE A 1310 -43.29 12.82 -14.44
C ILE A 1310 -44.62 12.85 -13.70
N HIS A 1311 -44.89 11.79 -12.93
CA HIS A 1311 -46.18 11.61 -12.25
C HIS A 1311 -45.94 11.50 -10.75
N ASP A 1312 -45.96 12.65 -10.07
CA ASP A 1312 -45.90 12.69 -8.61
C ASP A 1312 -44.67 11.94 -8.09
N LEU A 1313 -43.54 12.13 -8.78
CA LEU A 1313 -42.33 11.40 -8.44
C LEU A 1313 -41.81 11.78 -7.06
N CYS A 1314 -41.28 10.79 -6.36
CA CYS A 1314 -40.56 11.01 -5.10
C CYS A 1314 -39.27 10.21 -5.14
N VAL A 1315 -38.19 10.80 -4.64
CA VAL A 1315 -36.85 10.24 -4.74
C VAL A 1315 -36.25 10.13 -3.36
N ARG A 1316 -35.66 8.97 -3.06
CA ARG A 1316 -34.91 8.75 -1.82
C ARG A 1316 -33.59 8.08 -2.16
N TYR A 1317 -32.49 8.67 -1.69
CA TYR A 1317 -31.17 8.09 -1.96
C TYR A 1317 -31.06 6.69 -1.36
N GLU A 1318 -31.51 6.53 -0.12
CA GLU A 1318 -31.47 5.24 0.56
C GLU A 1318 -32.75 5.05 1.35
N ASN A 1319 -33.17 3.79 1.47
CA ASN A 1319 -34.43 3.49 2.14
C ASN A 1319 -34.40 3.95 3.59
N ASN A 1320 -35.55 4.41 4.08
CA ASN A 1320 -35.76 4.88 5.44
C ASN A 1320 -35.25 6.30 5.65
N LEU A 1321 -34.83 6.99 4.60
CA LEU A 1321 -34.40 8.37 4.69
C LEU A 1321 -35.47 9.30 4.13
N LYS A 1322 -35.40 10.56 4.53
CA LYS A 1322 -36.38 11.54 4.07
C LYS A 1322 -36.31 11.64 2.55
N PRO A 1323 -37.44 11.58 1.84
CA PRO A 1323 -37.40 11.67 0.38
C PRO A 1323 -36.98 13.07 -0.06
N VAL A 1324 -35.86 13.14 -0.79
CA VAL A 1324 -35.38 14.43 -1.28
C VAL A 1324 -36.38 15.04 -2.25
N LEU A 1325 -37.03 14.21 -3.06
CA LEU A 1325 -38.07 14.64 -3.97
C LEU A 1325 -39.41 14.08 -3.52
N LYS A 1326 -40.45 14.92 -3.60
CA LYS A 1326 -41.80 14.51 -3.22
C LYS A 1326 -42.79 15.12 -4.20
N HIS A 1327 -43.72 14.30 -4.69
CA HIS A 1327 -44.80 14.76 -5.55
C HIS A 1327 -44.26 15.61 -6.70
N VAL A 1328 -43.25 15.08 -7.38
CA VAL A 1328 -42.61 15.77 -8.49
C VAL A 1328 -43.31 15.31 -9.77
N LYS A 1329 -44.08 16.23 -10.36
CA LYS A 1329 -44.81 15.97 -11.59
C LYS A 1329 -44.34 16.93 -12.67
N ALA A 1330 -44.13 16.41 -13.88
CA ALA A 1330 -43.62 17.23 -14.96
C ALA A 1330 -43.94 16.58 -16.30
N TYR A 1331 -44.38 17.40 -17.25
CA TYR A 1331 -44.68 16.97 -18.61
C TYR A 1331 -43.80 17.76 -19.56
N ILE A 1332 -42.77 17.12 -20.09
CA ILE A 1332 -41.81 17.75 -20.99
C ILE A 1332 -42.20 17.37 -22.41
N LYS A 1333 -42.61 18.37 -23.19
CA LYS A 1333 -43.00 18.11 -24.57
C LYS A 1333 -41.79 17.69 -25.39
N PRO A 1334 -41.95 16.75 -26.32
CA PRO A 1334 -40.82 16.35 -27.16
C PRO A 1334 -40.33 17.51 -28.02
N GLY A 1335 -39.03 17.49 -28.33
CA GLY A 1335 -38.42 18.57 -29.07
C GLY A 1335 -38.47 19.87 -28.31
N GLN A 1336 -38.11 19.82 -27.02
CA GLN A 1336 -38.21 20.98 -26.15
C GLN A 1336 -36.94 21.10 -25.32
N LYS A 1337 -36.64 22.32 -24.88
CA LYS A 1337 -35.52 22.61 -24.01
C LYS A 1337 -36.04 22.94 -22.63
N VAL A 1338 -35.49 22.30 -21.61
CA VAL A 1338 -35.94 22.44 -20.23
C VAL A 1338 -34.78 22.99 -19.40
N GLY A 1339 -35.06 24.04 -18.63
CA GLY A 1339 -34.09 24.65 -17.74
C GLY A 1339 -34.48 24.40 -16.29
N ILE A 1340 -33.49 24.09 -15.46
CA ILE A 1340 -33.69 23.83 -14.04
C ILE A 1340 -32.73 24.68 -13.25
N CYS A 1341 -33.25 25.41 -12.25
CA CYS A 1341 -32.42 26.23 -11.40
C CYS A 1341 -33.10 26.36 -10.04
N GLY A 1342 -32.30 26.69 -9.03
CA GLY A 1342 -32.83 26.86 -7.69
C GLY A 1342 -31.71 26.90 -6.68
N ARG A 1343 -32.10 27.03 -5.43
CA ARG A 1343 -31.12 27.04 -4.34
C ARG A 1343 -30.36 25.72 -4.32
N THR A 1344 -29.07 25.81 -4.00
CA THR A 1344 -28.22 24.62 -4.01
C THR A 1344 -28.78 23.57 -3.06
N GLY A 1345 -28.75 22.32 -3.51
CA GLY A 1345 -29.27 21.23 -2.71
C GLY A 1345 -30.75 20.97 -2.87
N SER A 1346 -31.37 21.47 -3.94
CA SER A 1346 -32.79 21.26 -4.19
C SER A 1346 -33.05 20.01 -5.01
N GLY A 1347 -32.11 19.07 -5.04
CA GLY A 1347 -32.33 17.79 -5.70
C GLY A 1347 -32.48 17.86 -7.21
N LYS A 1348 -31.75 18.77 -7.86
CA LYS A 1348 -31.74 18.80 -9.32
C LYS A 1348 -30.97 17.61 -9.88
N SER A 1349 -29.71 17.47 -9.45
CA SER A 1349 -28.95 16.28 -9.81
C SER A 1349 -29.68 15.02 -9.37
N SER A 1350 -30.40 15.08 -8.26
CA SER A 1350 -31.21 13.94 -7.85
C SER A 1350 -32.30 13.66 -8.88
N LEU A 1351 -32.89 14.72 -9.44
CA LEU A 1351 -33.89 14.53 -10.49
C LEU A 1351 -33.27 13.86 -11.71
N SER A 1352 -32.06 14.28 -12.08
CA SER A 1352 -31.38 13.64 -13.21
C SER A 1352 -31.12 12.16 -12.92
N LEU A 1353 -30.64 11.87 -11.70
CA LEU A 1353 -30.39 10.48 -11.34
C LEU A 1353 -31.67 9.66 -11.40
N ALA A 1354 -32.79 10.23 -10.93
CA ALA A 1354 -34.07 9.55 -11.05
C ALA A 1354 -34.42 9.30 -12.51
N PHE A 1355 -34.16 10.28 -13.37
CA PHE A 1355 -34.28 10.05 -14.81
C PHE A 1355 -33.47 8.83 -15.23
N PHE A 1356 -32.31 8.63 -14.59
CA PHE A 1356 -31.46 7.49 -14.89
C PHE A 1356 -31.65 6.33 -13.92
N ARG A 1357 -32.69 6.38 -13.07
CA ARG A 1357 -33.02 5.27 -12.21
C ARG A 1357 -31.97 5.05 -11.13
N MET A 1358 -30.94 5.90 -11.08
CA MET A 1358 -29.86 5.68 -10.14
C MET A 1358 -30.35 5.72 -8.71
N VAL A 1359 -31.21 6.68 -8.39
CA VAL A 1359 -31.79 6.81 -7.05
C VAL A 1359 -33.17 6.17 -7.05
N ASP A 1360 -33.52 5.59 -5.91
CA ASP A 1360 -34.81 4.92 -5.79
C ASP A 1360 -35.95 5.89 -5.99
N ILE A 1361 -36.95 5.48 -6.75
CA ILE A 1361 -38.17 6.25 -6.95
C ILE A 1361 -39.23 5.64 -6.05
N PHE A 1362 -39.31 6.13 -4.82
CA PHE A 1362 -40.21 5.54 -3.83
C PHE A 1362 -41.67 5.74 -4.21
N ASP A 1363 -42.03 6.95 -4.62
CA ASP A 1363 -43.41 7.29 -4.94
C ASP A 1363 -43.46 8.01 -6.27
N GLY A 1364 -44.48 7.71 -7.07
CA GLY A 1364 -44.62 8.30 -8.38
C GLY A 1364 -43.92 7.48 -9.45
N LYS A 1365 -43.71 8.12 -10.59
CA LYS A 1365 -43.12 7.43 -11.73
C LYS A 1365 -42.54 8.45 -12.70
N ILE A 1366 -41.67 7.97 -13.58
CA ILE A 1366 -41.15 8.72 -14.71
C ILE A 1366 -41.51 7.97 -15.98
N VAL A 1367 -42.16 8.64 -16.92
CA VAL A 1367 -42.67 8.02 -18.13
C VAL A 1367 -42.02 8.69 -19.33
N ILE A 1368 -41.39 7.89 -20.19
CA ILE A 1368 -40.79 8.36 -21.43
C ILE A 1368 -41.32 7.49 -22.56
N ASP A 1369 -41.84 8.12 -23.62
CA ASP A 1369 -42.42 7.43 -24.75
C ASP A 1369 -43.59 6.54 -24.33
N GLY A 1370 -44.19 6.83 -23.18
CA GLY A 1370 -45.28 6.01 -22.68
C GLY A 1370 -44.83 4.73 -22.00
N ILE A 1371 -43.53 4.54 -21.81
CA ILE A 1371 -42.99 3.35 -21.16
C ILE A 1371 -42.39 3.80 -19.83
N ASP A 1372 -42.86 3.20 -18.73
CA ASP A 1372 -42.33 3.52 -17.42
C ASP A 1372 -40.85 3.17 -17.36
N ILE A 1373 -40.05 4.07 -16.79
CA ILE A 1373 -38.62 3.83 -16.68
C ILE A 1373 -38.37 2.57 -15.85
N SER A 1374 -39.07 2.43 -14.72
CA SER A 1374 -38.89 1.25 -13.90
C SER A 1374 -39.21 -0.02 -14.67
N LYS A 1375 -40.25 0.02 -15.50
CA LYS A 1375 -40.69 -1.14 -16.27
C LYS A 1375 -39.81 -1.33 -17.52
N LEU A 1376 -38.51 -1.48 -17.27
CA LEU A 1376 -37.54 -1.59 -18.35
C LEU A 1376 -36.17 -1.95 -17.78
N PRO A 1377 -35.34 -2.69 -18.51
CA PRO A 1377 -33.99 -2.98 -18.01
C PRO A 1377 -33.17 -1.71 -17.88
N LEU A 1378 -32.56 -1.51 -16.72
CA LEU A 1378 -31.75 -0.31 -16.50
C LEU A 1378 -30.63 -0.21 -17.52
N HIS A 1379 -30.07 -1.35 -17.93
CA HIS A 1379 -29.03 -1.32 -18.96
C HIS A 1379 -29.56 -0.69 -20.25
N THR A 1380 -30.77 -1.08 -20.66
CA THR A 1380 -31.35 -0.51 -21.87
C THR A 1380 -31.56 0.99 -21.71
N LEU A 1381 -32.06 1.42 -20.54
CA LEU A 1381 -32.25 2.85 -20.31
C LEU A 1381 -30.93 3.61 -20.45
N ARG A 1382 -29.90 3.16 -19.74
CA ARG A 1382 -28.64 3.87 -19.73
C ARG A 1382 -27.95 3.82 -21.09
N SER A 1383 -28.22 2.78 -21.88
CA SER A 1383 -27.55 2.65 -23.17
C SER A 1383 -27.95 3.79 -24.11
N ARG A 1384 -29.24 4.13 -24.16
CA ARG A 1384 -29.76 5.07 -25.14
C ARG A 1384 -30.16 6.40 -24.53
N LEU A 1385 -29.50 6.81 -23.45
CA LEU A 1385 -29.70 8.13 -22.86
C LEU A 1385 -28.36 8.85 -22.74
N SER A 1386 -28.37 10.13 -23.03
CA SER A 1386 -27.18 10.97 -22.94
C SER A 1386 -27.12 11.66 -21.58
N ILE A 1387 -25.94 12.15 -21.24
CA ILE A 1387 -25.73 12.86 -19.99
C ILE A 1387 -24.40 13.60 -20.06
N ILE A 1388 -24.33 14.79 -19.47
CA ILE A 1388 -23.10 15.59 -19.44
C ILE A 1388 -22.89 15.99 -17.98
N LEU A 1389 -22.06 15.21 -17.28
CA LEU A 1389 -21.76 15.53 -15.89
C LEU A 1389 -21.04 16.88 -15.80
N GLN A 1390 -21.06 17.44 -14.59
CA GLN A 1390 -20.43 18.74 -14.38
C GLN A 1390 -18.94 18.67 -14.68
N ASP A 1391 -18.27 17.61 -14.23
CA ASP A 1391 -16.83 17.45 -14.42
C ASP A 1391 -16.57 16.24 -15.32
N PRO A 1392 -16.36 16.44 -16.62
CA PRO A 1392 -16.08 15.29 -17.49
C PRO A 1392 -14.80 14.58 -17.06
N ILE A 1393 -14.82 13.25 -17.19
CA ILE A 1393 -13.68 12.42 -16.88
C ILE A 1393 -13.41 11.51 -18.07
N LEU A 1394 -12.15 11.41 -18.47
CA LEU A 1394 -11.72 10.54 -19.56
C LEU A 1394 -10.67 9.58 -19.05
N PHE A 1395 -10.85 8.30 -19.35
CA PHE A 1395 -9.96 7.26 -18.86
C PHE A 1395 -8.80 7.06 -19.81
N SER A 1396 -7.72 6.48 -19.28
CA SER A 1396 -6.52 6.27 -20.07
C SER A 1396 -6.84 5.43 -21.30
N GLY A 1397 -6.31 5.85 -22.43
CA GLY A 1397 -6.51 5.14 -23.68
C GLY A 1397 -6.56 6.10 -24.85
N SER A 1398 -7.06 5.59 -25.97
CA SER A 1398 -7.14 6.38 -27.20
C SER A 1398 -8.38 7.25 -27.21
N ILE A 1399 -8.44 8.15 -28.20
CA ILE A 1399 -9.62 8.99 -28.37
C ILE A 1399 -10.79 8.15 -28.84
N ARG A 1400 -10.55 7.17 -29.73
CA ARG A 1400 -11.62 6.30 -30.16
C ARG A 1400 -12.25 5.57 -28.97
N PHE A 1401 -11.41 5.07 -28.06
CA PHE A 1401 -11.92 4.36 -26.90
C PHE A 1401 -12.86 5.24 -26.10
N ASN A 1402 -12.47 6.49 -25.86
CA ASN A 1402 -13.33 7.41 -25.13
C ASN A 1402 -14.62 7.71 -25.88
N LEU A 1403 -14.51 7.93 -27.19
CA LEU A 1403 -15.70 8.24 -27.98
C LEU A 1403 -16.68 7.07 -27.99
N ASP A 1404 -16.17 5.85 -28.10
CA ASP A 1404 -17.05 4.68 -28.16
C ASP A 1404 -16.29 3.42 -27.76
N PRO A 1405 -16.24 3.09 -26.47
CA PRO A 1405 -15.62 1.82 -26.07
C PRO A 1405 -16.28 0.62 -26.72
N GLU A 1406 -17.58 0.72 -27.03
CA GLU A 1406 -18.27 -0.40 -27.68
C GLU A 1406 -17.75 -0.68 -29.08
N CYS A 1407 -17.09 0.30 -29.71
CA CYS A 1407 -16.56 0.13 -31.06
C CYS A 1407 -17.67 -0.28 -32.03
N LYS A 1408 -18.83 0.37 -31.90
CA LYS A 1408 -19.99 0.03 -32.73
C LYS A 1408 -20.17 0.98 -33.91
N CYS A 1409 -19.68 2.21 -33.82
CA CYS A 1409 -19.88 3.21 -34.86
C CYS A 1409 -18.62 3.36 -35.71
N THR A 1410 -18.81 3.80 -36.95
CA THR A 1410 -17.71 3.95 -37.88
C THR A 1410 -16.88 5.18 -37.54
N ASP A 1411 -15.61 5.16 -37.97
CA ASP A 1411 -14.74 6.30 -37.76
C ASP A 1411 -15.32 7.56 -38.39
N ASP A 1412 -16.14 7.41 -39.43
CA ASP A 1412 -16.83 8.56 -40.00
C ASP A 1412 -17.73 9.22 -38.96
N ARG A 1413 -18.45 8.40 -38.20
CA ARG A 1413 -19.30 8.95 -37.15
C ARG A 1413 -18.47 9.71 -36.12
N LEU A 1414 -17.33 9.14 -35.73
CA LEU A 1414 -16.47 9.81 -34.75
C LEU A 1414 -15.96 11.14 -35.30
N TRP A 1415 -15.52 11.16 -36.55
CA TRP A 1415 -15.04 12.41 -37.14
C TRP A 1415 -16.14 13.45 -37.20
N GLU A 1416 -17.34 13.04 -37.59
CA GLU A 1416 -18.45 13.98 -37.65
C GLU A 1416 -18.78 14.51 -36.26
N ALA A 1417 -18.76 13.64 -35.25
CA ALA A 1417 -19.05 14.06 -33.89
C ALA A 1417 -18.01 15.07 -33.41
N LEU A 1418 -16.73 14.79 -33.67
CA LEU A 1418 -15.68 15.72 -33.24
C LEU A 1418 -15.79 17.05 -33.99
N GLU A 1419 -16.18 17.00 -35.27
CA GLU A 1419 -16.37 18.23 -36.02
C GLU A 1419 -17.49 19.07 -35.40
N ILE A 1420 -18.65 18.46 -35.18
CA ILE A 1420 -19.78 19.22 -34.63
C ILE A 1420 -19.45 19.72 -33.23
N ALA A 1421 -18.70 18.94 -32.46
CA ALA A 1421 -18.30 19.35 -31.12
C ALA A 1421 -17.16 20.37 -31.14
N GLN A 1422 -16.75 20.85 -32.31
CA GLN A 1422 -15.68 21.82 -32.48
C GLN A 1422 -14.33 21.24 -32.08
N LEU A 1423 -14.21 19.92 -31.97
CA LEU A 1423 -12.99 19.27 -31.52
C LEU A 1423 -12.24 18.58 -32.65
N LYS A 1424 -12.75 18.65 -33.88
CA LYS A 1424 -12.07 17.98 -34.99
C LYS A 1424 -10.65 18.51 -35.17
N ASN A 1425 -10.50 19.83 -35.17
CA ASN A 1425 -9.17 20.41 -35.36
C ASN A 1425 -8.25 20.08 -34.20
N MET A 1426 -8.79 20.05 -32.97
CA MET A 1426 -7.97 19.74 -31.81
C MET A 1426 -7.34 18.35 -31.94
N VAL A 1427 -8.16 17.35 -32.28
CA VAL A 1427 -7.63 15.99 -32.43
C VAL A 1427 -6.71 15.93 -33.65
N LYS A 1428 -7.07 16.61 -34.74
CA LYS A 1428 -6.26 16.55 -35.94
C LYS A 1428 -4.85 17.08 -35.69
N SER A 1429 -4.74 18.19 -34.96
CA SER A 1429 -3.43 18.75 -34.67
C SER A 1429 -2.58 17.78 -33.86
N LEU A 1430 -3.18 17.10 -32.88
CA LEU A 1430 -2.42 16.18 -32.07
C LEU A 1430 -1.99 14.96 -32.89
N PRO A 1431 -0.81 14.41 -32.65
CA PRO A 1431 -0.38 13.23 -33.40
C PRO A 1431 -1.26 12.03 -33.11
N GLY A 1432 -1.41 11.17 -34.11
CA GLY A 1432 -2.21 9.98 -33.99
C GLY A 1432 -3.67 10.15 -34.33
N GLY A 1433 -4.15 11.39 -34.43
CA GLY A 1433 -5.54 11.61 -34.81
C GLY A 1433 -6.49 10.89 -33.89
N LEU A 1434 -7.38 10.09 -34.48
CA LEU A 1434 -8.35 9.33 -33.69
C LEU A 1434 -7.65 8.40 -32.70
N ASP A 1435 -6.46 7.93 -33.04
CA ASP A 1435 -5.75 6.95 -32.22
C ASP A 1435 -4.81 7.60 -31.21
N ALA A 1436 -4.82 8.92 -31.10
CA ALA A 1436 -3.97 9.59 -30.13
C ALA A 1436 -4.30 9.11 -28.72
N THR A 1437 -3.26 8.92 -27.91
CA THR A 1437 -3.45 8.44 -26.55
C THR A 1437 -3.98 9.55 -25.65
N VAL A 1438 -4.61 9.13 -24.55
CA VAL A 1438 -5.12 10.04 -23.54
C VAL A 1438 -4.75 9.50 -22.17
N THR A 1439 -4.32 10.39 -21.28
CA THR A 1439 -3.95 9.98 -19.93
C THR A 1439 -5.20 9.84 -19.06
N GLU A 1440 -5.05 9.11 -17.96
CA GLU A 1440 -6.16 8.89 -17.06
C GLU A 1440 -6.65 10.20 -16.47
N GLY A 1441 -7.97 10.34 -16.34
CA GLY A 1441 -8.56 11.51 -15.75
C GLY A 1441 -8.71 12.70 -16.69
N GLY A 1442 -8.30 12.57 -17.95
CA GLY A 1442 -8.44 13.66 -18.88
C GLY A 1442 -7.47 14.80 -18.68
N GLU A 1443 -6.43 14.61 -17.87
CA GLU A 1443 -5.46 15.67 -17.65
C GLU A 1443 -4.70 16.03 -18.92
N ASN A 1444 -4.69 15.13 -19.91
CA ASN A 1444 -3.98 15.41 -21.16
C ASN A 1444 -4.55 16.63 -21.86
N PHE A 1445 -5.87 16.75 -21.90
CA PHE A 1445 -6.55 17.83 -22.58
C PHE A 1445 -7.01 18.89 -21.58
N SER A 1446 -7.39 20.05 -22.12
CA SER A 1446 -7.92 21.12 -21.30
C SER A 1446 -9.34 20.78 -20.85
N VAL A 1447 -9.76 21.42 -19.75
CA VAL A 1447 -11.08 21.14 -19.19
C VAL A 1447 -12.17 21.38 -20.24
N GLY A 1448 -12.07 22.50 -20.96
CA GLY A 1448 -13.00 22.73 -22.05
C GLY A 1448 -12.95 21.63 -23.09
N GLN A 1449 -11.75 21.14 -23.39
CA GLN A 1449 -11.63 20.02 -24.31
C GLN A 1449 -12.27 18.77 -23.73
N ARG A 1450 -12.19 18.58 -22.41
CA ARG A 1450 -12.89 17.45 -21.80
C ARG A 1450 -14.39 17.57 -21.97
N GLN A 1451 -14.93 18.78 -21.79
CA GLN A 1451 -16.36 18.99 -22.03
C GLN A 1451 -16.70 18.72 -23.48
N LEU A 1452 -15.84 19.13 -24.41
CA LEU A 1452 -16.08 18.84 -25.82
C LEU A 1452 -16.09 17.34 -26.07
N PHE A 1453 -15.18 16.61 -25.43
CA PHE A 1453 -15.19 15.15 -25.55
C PHE A 1453 -16.49 14.56 -25.05
N CYS A 1454 -16.98 15.07 -23.91
CA CYS A 1454 -18.25 14.59 -23.38
C CYS A 1454 -19.39 14.86 -24.35
N LEU A 1455 -19.41 16.05 -24.94
CA LEU A 1455 -20.45 16.37 -25.92
C LEU A 1455 -20.35 15.46 -27.14
N ALA A 1456 -19.13 15.16 -27.58
CA ALA A 1456 -18.95 14.25 -28.70
C ALA A 1456 -19.48 12.86 -28.34
N ARG A 1457 -19.22 12.41 -27.11
CA ARG A 1457 -19.77 11.14 -26.66
C ARG A 1457 -21.29 11.15 -26.73
N ALA A 1458 -21.89 12.23 -26.25
CA ALA A 1458 -23.34 12.36 -26.32
C ALA A 1458 -23.82 12.30 -27.76
N PHE A 1459 -23.15 13.03 -28.65
CA PHE A 1459 -23.58 13.08 -30.05
C PHE A 1459 -23.51 11.69 -30.68
N VAL A 1460 -22.40 10.98 -30.47
CA VAL A 1460 -22.26 9.66 -31.07
C VAL A 1460 -23.27 8.69 -30.48
N ARG A 1461 -23.58 8.83 -29.20
CA ARG A 1461 -24.51 7.91 -28.56
C ARG A 1461 -25.86 7.87 -29.25
N LYS A 1462 -26.24 8.94 -29.95
CA LYS A 1462 -27.54 9.01 -30.63
C LYS A 1462 -28.66 8.73 -29.64
N SER A 1463 -28.56 9.35 -28.46
CA SER A 1463 -29.53 9.10 -27.40
C SER A 1463 -30.93 9.55 -27.78
N SER A 1464 -31.03 10.65 -28.53
CA SER A 1464 -32.26 11.39 -28.80
C SER A 1464 -32.64 12.25 -27.60
N ILE A 1465 -31.93 12.16 -26.48
CA ILE A 1465 -32.17 12.95 -25.29
C ILE A 1465 -30.84 13.60 -24.90
N LEU A 1466 -30.92 14.63 -24.07
CA LEU A 1466 -29.73 15.29 -23.58
C LEU A 1466 -29.98 15.82 -22.18
N ILE A 1467 -29.06 15.52 -21.27
CA ILE A 1467 -29.10 16.00 -19.89
C ILE A 1467 -27.78 16.69 -19.59
N MET A 1468 -27.84 17.89 -19.03
CA MET A 1468 -26.65 18.64 -18.64
C MET A 1468 -26.74 19.00 -17.17
N ASP A 1469 -25.72 18.61 -16.42
CA ASP A 1469 -25.63 18.89 -14.98
C ASP A 1469 -24.60 20.00 -14.81
N GLU A 1470 -25.06 21.24 -14.86
CA GLU A 1470 -24.22 22.43 -14.76
C GLU A 1470 -22.90 22.23 -15.51
N ALA A 1471 -23.03 21.95 -16.81
CA ALA A 1471 -21.85 21.70 -17.63
C ALA A 1471 -20.93 22.91 -17.65
N THR A 1472 -21.50 24.11 -17.78
CA THR A 1472 -20.68 25.32 -17.89
C THR A 1472 -19.88 25.59 -16.62
N ALA A 1473 -20.23 24.98 -15.50
CA ALA A 1473 -19.53 25.23 -14.26
C ALA A 1473 -18.04 24.94 -14.42
N SER A 1474 -17.21 25.88 -13.97
CA SER A 1474 -15.76 25.75 -14.06
C SER A 1474 -15.29 25.65 -15.52
N ILE A 1475 -15.82 26.52 -16.37
CA ILE A 1475 -15.52 26.51 -17.79
C ILE A 1475 -15.26 27.94 -18.25
N ASP A 1476 -14.29 28.10 -19.16
CA ASP A 1476 -13.96 29.42 -19.67
C ASP A 1476 -15.15 30.02 -20.42
N MET A 1477 -15.26 31.35 -20.34
CA MET A 1477 -16.42 32.02 -20.92
C MET A 1477 -16.53 31.75 -22.42
N ALA A 1478 -15.41 31.79 -23.13
CA ALA A 1478 -15.44 31.45 -24.56
C ALA A 1478 -15.86 30.01 -24.76
N THR A 1479 -15.30 29.09 -23.96
CA THR A 1479 -15.72 27.70 -24.03
C THR A 1479 -17.18 27.54 -23.66
N GLU A 1480 -17.65 28.31 -22.68
CA GLU A 1480 -19.06 28.26 -22.31
C GLU A 1480 -19.95 28.72 -23.47
N ASN A 1481 -19.52 29.76 -24.19
CA ASN A 1481 -20.28 30.22 -25.35
C ASN A 1481 -20.29 29.16 -26.44
N ILE A 1482 -19.15 28.51 -26.67
CA ILE A 1482 -19.11 27.41 -27.65
C ILE A 1482 -20.06 26.30 -27.23
N LEU A 1483 -20.08 25.98 -25.94
CA LEU A 1483 -20.98 24.95 -25.43
C LEU A 1483 -22.43 25.33 -25.66
N GLN A 1484 -22.79 26.57 -25.37
CA GLN A 1484 -24.15 27.04 -25.60
C GLN A 1484 -24.51 26.94 -27.07
N LYS A 1485 -23.60 27.37 -27.95
CA LYS A 1485 -23.86 27.32 -29.39
C LYS A 1485 -24.10 25.89 -29.85
N VAL A 1486 -23.24 24.97 -29.43
CA VAL A 1486 -23.36 23.59 -29.90
C VAL A 1486 -24.61 22.94 -29.33
N VAL A 1487 -24.95 23.23 -28.07
CA VAL A 1487 -26.19 22.72 -27.52
C VAL A 1487 -27.39 23.23 -28.30
N MET A 1488 -27.39 24.52 -28.63
CA MET A 1488 -28.51 25.10 -29.35
C MET A 1488 -28.66 24.51 -30.75
N THR A 1489 -27.55 24.35 -31.47
CA THR A 1489 -27.62 24.00 -32.89
C THR A 1489 -27.49 22.50 -33.14
N ALA A 1490 -26.45 21.86 -32.62
CA ALA A 1490 -26.21 20.44 -32.92
C ALA A 1490 -27.35 19.58 -32.39
N PHE A 1491 -27.84 19.88 -31.20
CA PHE A 1491 -28.92 19.13 -30.57
C PHE A 1491 -30.29 19.75 -30.82
N ALA A 1492 -30.47 20.41 -31.97
CA ALA A 1492 -31.73 21.09 -32.25
C ALA A 1492 -32.89 20.10 -32.25
N ASP A 1493 -32.71 18.95 -32.91
CA ASP A 1493 -33.77 17.96 -32.96
C ASP A 1493 -33.89 17.16 -31.67
N ARG A 1494 -32.93 17.29 -30.75
CA ARG A 1494 -32.93 16.52 -29.52
C ARG A 1494 -33.69 17.26 -28.43
N THR A 1495 -33.86 16.58 -27.30
CA THR A 1495 -34.48 17.14 -26.11
C THR A 1495 -33.39 17.41 -25.08
N VAL A 1496 -33.33 18.64 -24.59
CA VAL A 1496 -32.27 19.07 -23.68
C VAL A 1496 -32.88 19.40 -22.33
N VAL A 1497 -32.32 18.82 -21.27
CA VAL A 1497 -32.66 19.17 -19.89
C VAL A 1497 -31.37 19.61 -19.22
N THR A 1498 -31.39 20.81 -18.66
CA THR A 1498 -30.18 21.43 -18.12
C THR A 1498 -30.36 21.78 -16.66
N ILE A 1499 -29.33 21.53 -15.87
CA ILE A 1499 -29.27 21.95 -14.47
C ILE A 1499 -28.45 23.23 -14.47
N ALA A 1500 -29.13 24.35 -14.63
CA ALA A 1500 -28.46 25.63 -14.84
C ALA A 1500 -27.72 26.05 -13.59
N HIS A 1501 -26.38 26.04 -13.65
CA HIS A 1501 -25.59 26.66 -12.59
C HIS A 1501 -25.90 28.15 -12.50
N ARG A 1502 -26.00 28.81 -13.65
CA ARG A 1502 -26.37 30.22 -13.73
C ARG A 1502 -27.59 30.36 -14.62
N VAL A 1503 -28.53 31.20 -14.20
CA VAL A 1503 -29.83 31.28 -14.88
C VAL A 1503 -29.68 31.91 -16.26
N HIS A 1504 -28.90 33.00 -16.37
CA HIS A 1504 -28.84 33.72 -17.63
C HIS A 1504 -28.41 32.81 -18.77
N THR A 1505 -27.60 31.79 -18.47
CA THR A 1505 -27.22 30.83 -19.51
C THR A 1505 -28.42 30.03 -19.99
N ILE A 1506 -29.45 29.87 -19.14
CA ILE A 1506 -30.63 29.10 -19.49
C ILE A 1506 -31.87 30.00 -19.64
N LEU A 1507 -31.68 31.32 -19.66
CA LEU A 1507 -32.82 32.22 -19.81
C LEU A 1507 -33.54 31.99 -21.13
N THR A 1508 -32.84 31.48 -22.14
CA THR A 1508 -33.42 31.27 -23.46
C THR A 1508 -34.12 29.93 -23.61
N ALA A 1509 -34.15 29.11 -22.55
CA ALA A 1509 -34.78 27.79 -22.66
C ALA A 1509 -36.26 27.93 -22.96
N ASP A 1510 -36.78 26.97 -23.74
CA ASP A 1510 -38.20 27.00 -24.09
C ASP A 1510 -39.08 27.00 -22.85
N LEU A 1511 -38.67 26.30 -21.80
CA LEU A 1511 -39.38 26.34 -20.52
C LEU A 1511 -38.37 26.11 -19.40
N VAL A 1512 -38.74 26.53 -18.20
CA VAL A 1512 -37.86 26.44 -17.04
C VAL A 1512 -38.62 25.81 -15.89
N ILE A 1513 -37.86 25.21 -14.97
CA ILE A 1513 -38.40 24.58 -13.77
C ILE A 1513 -37.67 25.17 -12.57
N VAL A 1514 -38.43 25.53 -11.54
CA VAL A 1514 -37.88 26.09 -10.31
C VAL A 1514 -38.03 25.04 -9.21
N MET A 1515 -36.90 24.61 -8.66
CA MET A 1515 -36.87 23.60 -7.61
C MET A 1515 -36.61 24.25 -6.26
N LYS A 1516 -37.22 23.69 -5.22
CA LYS A 1516 -37.02 24.18 -3.86
C LYS A 1516 -37.38 23.07 -2.89
N ARG A 1517 -36.38 22.54 -2.20
CA ARG A 1517 -36.60 21.50 -1.18
C ARG A 1517 -37.43 20.35 -1.75
N GLY A 1518 -37.07 19.93 -2.96
CA GLY A 1518 -37.80 18.86 -3.61
C GLY A 1518 -39.20 19.24 -4.05
N ASN A 1519 -39.43 20.52 -4.33
CA ASN A 1519 -40.73 21.00 -4.77
C ASN A 1519 -40.55 21.82 -6.04
N ILE A 1520 -41.46 21.61 -6.99
CA ILE A 1520 -41.45 22.36 -8.25
C ILE A 1520 -42.27 23.62 -7.99
N LEU A 1521 -41.59 24.66 -7.49
CA LEU A 1521 -42.28 25.92 -7.19
C LEU A 1521 -42.86 26.54 -8.45
N GLU A 1522 -42.08 26.54 -9.54
CA GLU A 1522 -42.51 27.14 -10.80
C GLU A 1522 -42.13 26.23 -11.96
N TYR A 1523 -43.04 26.09 -12.91
CA TYR A 1523 -42.78 25.33 -14.14
C TYR A 1523 -43.54 26.01 -15.27
N ASP A 1524 -42.87 26.91 -15.97
CA ASP A 1524 -43.43 27.66 -17.08
C ASP A 1524 -42.28 28.21 -17.90
N THR A 1525 -42.60 29.03 -18.90
CA THR A 1525 -41.55 29.72 -19.63
C THR A 1525 -40.86 30.72 -18.71
N PRO A 1526 -39.52 30.81 -18.76
CA PRO A 1526 -38.83 31.77 -17.88
C PRO A 1526 -39.29 33.19 -18.09
N GLU A 1527 -39.65 33.57 -19.31
CA GLU A 1527 -40.15 34.91 -19.55
C GLU A 1527 -41.47 35.15 -18.82
N SER A 1528 -42.36 34.16 -18.84
CA SER A 1528 -43.65 34.32 -18.16
C SER A 1528 -43.45 34.48 -16.66
N LEU A 1529 -42.57 33.68 -16.06
CA LEU A 1529 -42.35 33.76 -14.62
C LEU A 1529 -41.86 35.14 -14.22
N LEU A 1530 -40.92 35.70 -14.98
CA LEU A 1530 -40.42 37.04 -14.67
C LEU A 1530 -41.54 38.07 -14.76
N ALA A 1531 -42.38 37.98 -15.78
CA ALA A 1531 -43.48 38.92 -15.98
C ALA A 1531 -44.69 38.62 -15.11
N GLN A 1532 -44.78 37.42 -14.53
CA GLN A 1532 -45.92 37.09 -13.68
C GLN A 1532 -45.72 37.63 -12.27
N GLU A 1533 -44.68 37.19 -11.58
CA GLU A 1533 -44.42 37.61 -10.22
C GLU A 1533 -42.92 37.62 -9.96
N ASP A 1534 -42.51 38.35 -8.93
CA ASP A 1534 -41.11 38.43 -8.53
C ASP A 1534 -40.78 37.28 -7.58
N GLY A 1535 -40.74 36.08 -8.15
CA GLY A 1535 -40.49 34.87 -7.39
C GLY A 1535 -39.01 34.61 -7.20
N VAL A 1536 -38.71 33.40 -6.70
CA VAL A 1536 -37.32 33.02 -6.48
C VAL A 1536 -36.55 33.03 -7.79
N PHE A 1537 -37.17 32.54 -8.87
CA PHE A 1537 -36.52 32.56 -10.16
C PHE A 1537 -36.15 33.98 -10.56
N ALA A 1538 -37.07 34.92 -10.37
CA ALA A 1538 -36.78 36.32 -10.70
C ALA A 1538 -35.64 36.86 -9.84
N SER A 1539 -35.68 36.53 -8.56
CA SER A 1539 -34.65 37.05 -7.61
C SER A 1539 -33.20 36.57 -8.04
N PHE A 1540 -32.89 35.27 -7.90
CA PHE A 1540 -31.51 34.81 -8.26
C PHE A 1540 -31.20 35.12 -9.78
N VAL A 1541 -32.16 34.89 -10.70
CA VAL A 1541 -31.88 35.21 -12.13
C VAL A 1541 -31.53 36.75 -12.25
N ARG A 1542 -32.29 37.65 -11.58
CA ARG A 1542 -31.93 39.10 -11.66
C ARG A 1542 -30.47 39.33 -11.11
N ALA A 1543 -30.10 38.71 -9.97
CA ALA A 1543 -28.69 38.90 -9.47
C ALA A 1543 -27.63 38.38 -10.51
MG MG B . -26.95 18.45 -7.17
MG MG C . 7.80 31.09 -8.13
PG ATP D . 6.89 32.23 -10.16
O1G ATP D . 6.42 32.79 -8.87
O2G ATP D . 6.79 30.71 -10.24
O3G ATP D . 6.20 32.84 -11.38
PB ATP D . 9.58 33.45 -9.78
O1B ATP D . 9.68 34.76 -10.47
O2B ATP D . 9.36 33.52 -8.27
O3B ATP D . 8.43 32.54 -10.38
PA ATP D . 11.56 31.33 -9.30
O1A ATP D . 10.56 30.33 -8.88
O2A ATP D . 12.41 31.91 -8.16
O3A ATP D . 10.87 32.56 -10.02
O5' ATP D . 12.52 30.75 -10.41
C5' ATP D . 13.33 31.61 -11.23
C4' ATP D . 14.36 30.78 -11.94
O4' ATP D . 14.91 29.87 -10.95
C3' ATP D . 13.71 29.86 -12.97
O3' ATP D . 14.76 29.42 -13.82
C2' ATP D . 13.32 28.65 -12.13
O2' ATP D . 13.41 27.52 -12.99
C1' ATP D . 14.57 28.53 -11.26
N9 ATP D . 14.28 27.88 -9.98
C8 ATP D . 13.31 28.22 -9.08
N7 ATP D . 13.27 27.46 -8.03
C5 ATP D . 14.29 26.54 -8.24
C6 ATP D . 14.76 25.46 -7.49
N6 ATP D . 14.26 25.09 -6.30
N1 ATP D . 15.80 24.75 -7.99
C2 ATP D . 16.31 25.10 -9.17
N3 ATP D . 15.94 26.11 -9.98
C4 ATP D . 14.91 26.80 -9.45
PG ATP E . -26.25 20.60 -6.25
O1G ATP E . -25.99 21.92 -5.62
O2G ATP E . -25.15 19.57 -6.00
O3G ATP E . -26.52 20.68 -7.76
PB ATP E . -29.06 19.62 -6.06
O1B ATP E . -29.99 20.72 -5.70
O2B ATP E . -29.05 19.22 -7.54
O3B ATP E . -27.57 19.94 -5.65
PA ATP E . -28.68 16.87 -5.06
O1A ATP E . -27.22 16.97 -4.97
O2A ATP E . -29.19 16.01 -6.21
O3A ATP E . -29.35 18.30 -5.22
O5' ATP E . -29.30 16.32 -3.71
C5' ATP E . -29.98 17.21 -2.79
C4' ATP E . -30.07 16.53 -1.45
O4' ATP E . -29.96 15.11 -1.67
C3' ATP E . -28.85 16.82 -0.60
O3' ATP E . -29.18 17.96 0.19
C2' ATP E . -28.87 15.63 0.36
O2' ATP E . -29.98 15.83 1.21
C1' ATP E . -29.31 14.50 -0.58
N9 ATP E . -28.16 13.78 -1.12
C8 ATP E . -27.29 14.23 -2.08
N7 ATP E . -26.34 13.37 -2.38
C5 ATP E . -26.61 12.29 -1.56
C6 ATP E . -25.98 11.04 -1.39
N6 ATP E . -24.89 10.67 -2.08
N1 ATP E . -26.50 10.18 -0.50
C2 ATP E . -27.59 10.55 0.18
N3 ATP E . -28.27 11.70 0.12
C4 ATP E . -27.73 12.53 -0.78
C9 BJX F . 17.27 -21.36 9.88
C10 BJX F . 15.45 -18.22 5.52
C11 BJX F . 17.99 -18.81 6.44
C12 BJX F . 18.18 -22.03 8.85
C13 BJX F . 16.41 -22.43 10.52
C14 BJX F . 16.52 -18.24 4.65
C15 BJX F . 17.78 -18.52 5.11
C16 BJX F . 17.71 -17.37 10.54
C17 BJX F . 17.32 -16.15 11.37
C18 BJX F . 15.84 -16.21 11.73
C19 BJX F . 15.09 -15.06 11.74
C20 BJX F . 15.25 -17.42 12.06
C8 BJX F . 16.37 -20.34 9.18
C7 BJX F . 16.92 -18.79 7.31
C6 BJX F . 15.65 -18.49 6.86
C5 BJX F . 17.17 -19.11 8.79
C4 BJX F . 12.67 -18.54 9.48
C3 BJX F . 12.49 -19.63 8.44
C2 BJX F . 12.79 -17.19 8.82
C1 BJX F . 13.58 -19.53 7.37
O1 BJX F . 12.97 -13.95 12.08
O2 BJX F . 10.95 -15.38 12.60
N BJX F . 14.53 -18.48 7.77
C BJX F . 13.84 -17.22 7.74
O BJX F . 18.79 -17.84 10.68
C21 BJX F . 13.75 -15.11 12.07
C22 BJX F . 13.91 -17.48 12.39
C23 BJX F . 13.16 -16.31 12.39
C24 BJX F . 11.69 -16.39 12.76
C25 BJX F . 12.44 -13.61 10.84
C26 BJX F . 11.27 -12.65 11.04
N1 BJX F . 16.78 -17.95 9.57
O3 BJX F . 11.21 -17.46 13.21
#